data_7U6V
#
_entry.id   7U6V
#
_cell.length_a   1.00
_cell.length_b   1.00
_cell.length_c   1.00
_cell.angle_alpha   90.00
_cell.angle_beta   90.00
_cell.angle_gamma   90.00
#
_symmetry.space_group_name_H-M   'P 1'
#
loop_
_entity.id
_entity.type
_entity.pdbx_description
1 polymer 'Shiga toxin 2a subunit A (Stx2A)'
2 polymer 'Shiga toxin 2a subunit B (Stx2B)'
3 polymer 'C-terminal domain (CTD) from the Ribosomal P-stalk'
4 water water
#
loop_
_entity_poly.entity_id
_entity_poly.type
_entity_poly.pdbx_seq_one_letter_code
_entity_poly.pdbx_strand_id
1 'polypeptide(L)'
;REFTIDFSTQQSYVSSLNSIRTEISTPLEHISQGTTSVSVINHTPPGSYFAVDIRGLDVYQARFDHLRLIIEQNNLYVAG
FVNTATNTFYRFSDFTHISVPGVTTVSMTTDSSYTTLQRVAALERSGMQISRHSLVSSYLALMEFSGNTMTRDASRAVLR
FVTVTAEALRFRQIQREFRQALSETAPVYTMTPGDVDLTLNWGRISNVLPEYRGEDGVRVGRISFNNISAILGTVAVILN
CHHQGARSVRAVNEDSQPECQITGDRPVIKINNTLWESNTAAAFLNRKSQFLYTTGK
;
A
2 'polypeptide(L)' ADCAKGKIEFSKYNEDDTFTVKVDGKEYWTSRWNLQPLLQSAQLTGMTVTIKSSTCESGSGFAEVQFNND B,C,D,E,F
3 'polypeptide(L)' GFGLFD P
#
# COMPACT_ATOMS: atom_id res chain seq x y z
N ARG A 1 -0.82 -2.37 33.57
CA ARG A 1 -0.50 -2.14 35.00
C ARG A 1 1.00 -1.92 35.16
N GLU A 2 1.51 -2.13 36.37
CA GLU A 2 2.93 -1.98 36.63
C GLU A 2 3.71 -3.07 35.88
N PHE A 3 4.83 -2.68 35.29
CA PHE A 3 5.71 -3.62 34.61
C PHE A 3 7.12 -3.07 34.63
N THR A 4 8.07 -3.94 34.24
CA THR A 4 9.48 -3.57 34.17
C THR A 4 10.11 -4.30 32.99
N ILE A 5 11.04 -3.63 32.32
CA ILE A 5 11.77 -4.21 31.19
C ILE A 5 13.25 -4.25 31.58
N ASP A 6 13.87 -5.40 31.37
CA ASP A 6 15.27 -5.61 31.71
C ASP A 6 16.08 -5.66 30.42
N PHE A 7 17.08 -4.78 30.33
CA PHE A 7 18.04 -4.78 29.23
C PHE A 7 19.36 -5.41 29.63
N SER A 8 19.41 -6.10 30.76
CA SER A 8 20.68 -6.63 31.26
C SER A 8 21.28 -7.64 30.31
N THR A 9 20.46 -8.55 29.80
CA THR A 9 20.95 -9.65 28.97
C THR A 9 19.92 -10.00 27.90
N GLN A 10 20.37 -10.79 26.92
CA GLN A 10 19.47 -11.21 25.85
C GLN A 10 18.30 -12.01 26.41
N GLN A 11 18.60 -13.00 27.24
CA GLN A 11 17.54 -13.85 27.78
C GLN A 11 16.58 -13.03 28.64
N SER A 12 17.11 -12.12 29.46
CA SER A 12 16.26 -11.32 30.32
C SER A 12 15.33 -10.43 29.50
N TYR A 13 15.90 -9.73 28.51
CA TYR A 13 15.10 -8.83 27.68
C TYR A 13 14.04 -9.61 26.91
N VAL A 14 14.42 -10.74 26.32
CA VAL A 14 13.48 -11.53 25.54
C VAL A 14 12.38 -12.07 26.45
N SER A 15 12.74 -12.56 27.64
CA SER A 15 11.75 -13.08 28.57
C SER A 15 10.79 -11.99 29.01
N SER A 16 11.30 -10.79 29.27
CA SER A 16 10.42 -9.68 29.65
C SER A 16 9.46 -9.36 28.52
N LEU A 17 9.95 -9.33 27.28
CA LEU A 17 9.08 -9.03 26.14
C LEU A 17 8.01 -10.09 25.97
N ASN A 18 8.40 -11.37 26.08
CA ASN A 18 7.43 -12.45 25.97
C ASN A 18 6.41 -12.38 27.10
N SER A 19 6.85 -12.02 28.30
CA SER A 19 5.92 -11.81 29.40
C SER A 19 4.92 -10.71 29.05
N ILE A 20 5.41 -9.63 28.46
CA ILE A 20 4.52 -8.52 28.08
C ILE A 20 3.44 -9.00 27.13
N ARG A 21 3.84 -9.68 26.04
CA ARG A 21 2.81 -10.19 25.13
C ARG A 21 1.88 -11.19 25.82
N THR A 22 2.43 -12.12 26.59
CA THR A 22 1.59 -13.16 27.19
C THR A 22 0.53 -12.56 28.11
N GLU A 23 0.92 -11.58 28.92
CA GLU A 23 -0.03 -10.93 29.81
C GLU A 23 -0.87 -9.86 29.11
N ILE A 24 -0.51 -9.49 27.88
CA ILE A 24 -1.29 -8.52 27.12
C ILE A 24 -2.11 -9.24 26.07
N SER A 25 -1.43 -9.98 25.19
CA SER A 25 -2.03 -10.53 23.99
C SER A 25 -2.45 -11.98 24.20
N THR A 26 -3.42 -12.41 23.40
CA THR A 26 -3.92 -13.77 23.38
C THR A 26 -3.44 -14.48 22.12
N PRO A 27 -2.86 -15.67 22.21
CA PRO A 27 -2.39 -16.35 21.01
C PRO A 27 -3.54 -16.70 20.07
N LEU A 28 -3.21 -16.74 18.78
CA LEU A 28 -4.20 -17.00 17.73
C LEU A 28 -4.10 -18.47 17.31
N GLU A 29 -5.23 -19.18 17.40
CA GLU A 29 -5.24 -20.59 17.02
C GLU A 29 -4.93 -20.75 15.53
N HIS A 30 -5.52 -19.90 14.69
CA HIS A 30 -5.28 -20.00 13.25
C HIS A 30 -3.79 -19.90 12.94
N ILE A 31 -3.08 -19.02 13.65
CA ILE A 31 -1.63 -18.93 13.53
C ILE A 31 -1.05 -19.44 14.84
N SER A 32 -0.80 -20.74 14.92
CA SER A 32 -0.36 -21.36 16.18
C SER A 32 0.66 -22.44 15.82
N GLN A 33 1.93 -22.06 15.80
CA GLN A 33 3.03 -22.98 15.51
C GLN A 33 3.62 -23.46 16.84
N GLY A 34 2.87 -24.32 17.51
CA GLY A 34 3.32 -24.83 18.79
C GLY A 34 3.55 -23.71 19.77
N THR A 35 4.72 -23.71 20.40
CA THR A 35 5.05 -22.69 21.39
C THR A 35 5.04 -21.31 20.74
N THR A 36 5.70 -21.16 19.59
CA THR A 36 5.74 -19.88 18.90
C THR A 36 4.42 -19.64 18.18
N SER A 37 3.86 -18.45 18.36
CA SER A 37 2.59 -18.11 17.75
C SER A 37 2.35 -16.62 17.92
N VAL A 38 1.89 -15.99 16.85
CA VAL A 38 1.50 -14.58 16.89
C VAL A 38 0.26 -14.47 17.76
N SER A 39 0.04 -13.28 18.32
CA SER A 39 -1.06 -13.05 19.23
C SER A 39 -1.76 -11.75 18.90
N VAL A 40 -3.01 -11.64 19.33
CA VAL A 40 -3.84 -10.47 19.11
C VAL A 40 -4.05 -9.77 20.44
N ILE A 41 -3.98 -8.44 20.43
CA ILE A 41 -4.19 -7.69 21.66
C ILE A 41 -5.60 -7.93 22.18
N ASN A 42 -5.70 -8.22 23.46
CA ASN A 42 -7.01 -8.42 24.06
C ASN A 42 -7.72 -7.08 24.21
N HIS A 43 -9.02 -7.07 23.94
CA HIS A 43 -9.79 -5.84 24.01
C HIS A 43 -9.71 -5.26 25.42
N THR A 44 -9.54 -3.95 25.49
CA THR A 44 -9.35 -3.23 26.74
C THR A 44 -10.28 -2.04 26.79
N PRO A 45 -10.63 -1.56 27.98
CA PRO A 45 -11.44 -0.35 28.07
C PRO A 45 -10.68 0.84 27.54
N PRO A 46 -11.38 1.82 26.96
CA PRO A 46 -10.67 3.01 26.47
C PRO A 46 -9.95 3.73 27.59
N GLY A 47 -8.81 4.32 27.25
CA GLY A 47 -8.04 5.11 28.19
C GLY A 47 -7.13 4.32 29.10
N SER A 48 -7.16 2.99 29.02
CA SER A 48 -6.28 2.18 29.83
C SER A 48 -4.84 2.30 29.34
N TYR A 49 -3.89 2.03 30.23
CA TYR A 49 -2.48 2.07 29.88
C TYR A 49 -1.68 1.29 30.92
N PHE A 50 -0.64 0.61 30.46
CA PHE A 50 0.30 -0.08 31.33
C PHE A 50 1.53 0.79 31.53
N ALA A 51 2.32 0.42 32.54
CA ALA A 51 3.50 1.16 32.94
C ALA A 51 4.69 0.22 32.99
N VAL A 52 5.81 0.62 32.36
CA VAL A 52 7.01 -0.21 32.28
C VAL A 52 8.20 0.62 32.73
N ASP A 53 8.93 0.12 33.74
CA ASP A 53 10.17 0.76 34.16
C ASP A 53 11.34 0.27 33.33
N ILE A 54 12.21 1.20 32.95
CA ILE A 54 13.39 0.88 32.15
C ILE A 54 14.46 0.37 33.11
N ARG A 55 14.91 -0.86 32.88
CA ARG A 55 15.92 -1.49 33.72
C ARG A 55 16.90 -2.29 32.86
N GLY A 56 18.07 -2.54 33.41
CA GLY A 56 19.11 -3.30 32.75
C GLY A 56 20.02 -2.49 31.86
N LEU A 57 19.77 -1.20 31.68
CA LEU A 57 20.68 -0.37 30.89
C LEU A 57 22.05 -0.30 31.55
N ASP A 58 22.07 -0.10 32.87
CA ASP A 58 23.31 -0.07 33.64
C ASP A 58 23.47 -1.43 34.31
N VAL A 59 24.21 -2.32 33.65
CA VAL A 59 24.37 -3.68 34.15
C VAL A 59 25.48 -3.78 35.18
N TYR A 60 26.42 -2.83 35.19
CA TYR A 60 27.52 -2.91 36.15
C TYR A 60 27.00 -2.82 37.58
N GLN A 61 26.02 -1.95 37.82
CA GLN A 61 25.45 -1.81 39.15
C GLN A 61 24.13 -1.07 39.03
N ALA A 62 23.34 -1.12 40.11
CA ALA A 62 22.03 -0.49 40.15
C ALA A 62 22.22 1.01 40.06
N ARG A 63 21.84 1.58 38.91
CA ARG A 63 22.00 3.02 38.68
C ARG A 63 21.31 3.35 37.37
N PHE A 64 20.82 4.58 37.27
CA PHE A 64 20.19 5.08 36.06
C PHE A 64 18.92 4.29 35.75
N ASP A 65 18.05 4.18 36.76
CA ASP A 65 16.86 3.33 36.70
C ASP A 65 15.65 4.07 37.26
N HIS A 66 15.46 5.32 36.81
CA HIS A 66 14.37 6.17 37.29
C HIS A 66 13.52 6.66 36.13
N LEU A 67 13.31 5.81 35.13
CA LEU A 67 12.48 6.14 33.98
C LEU A 67 11.37 5.12 33.81
N ARG A 68 10.17 5.61 33.53
CA ARG A 68 9.00 4.78 33.29
C ARG A 68 8.34 5.25 32.00
N LEU A 69 7.77 4.31 31.24
CA LEU A 69 6.98 4.63 30.07
C LEU A 69 5.56 4.13 30.30
N ILE A 70 4.58 4.99 30.09
CA ILE A 70 3.17 4.64 30.18
C ILE A 70 2.62 4.57 28.77
N ILE A 71 2.06 3.43 28.41
CA ILE A 71 1.61 3.14 27.04
C ILE A 71 0.22 2.55 27.10
N GLU A 72 -0.70 3.12 26.32
CA GLU A 72 -2.06 2.60 26.25
C GLU A 72 -2.06 1.19 25.65
N GLN A 73 -3.23 0.53 25.76
CA GLN A 73 -3.39 -0.78 25.14
C GLN A 73 -4.21 -0.74 23.87
N ASN A 74 -4.98 0.33 23.66
CA ASN A 74 -5.97 0.34 22.58
C ASN A 74 -5.31 0.14 21.21
N ASN A 75 -4.30 0.95 20.90
CA ASN A 75 -3.59 0.80 19.62
C ASN A 75 -2.08 0.76 19.80
N LEU A 76 -1.58 0.50 21.02
CA LEU A 76 -0.16 0.33 21.26
C LEU A 76 0.64 1.54 20.76
N TYR A 77 0.29 2.69 21.34
CA TYR A 77 0.93 3.96 21.01
C TYR A 77 1.53 4.56 22.28
N VAL A 78 2.76 5.05 22.17
CA VAL A 78 3.42 5.66 23.32
C VAL A 78 2.57 6.81 23.83
N ALA A 79 2.26 6.78 25.12
CA ALA A 79 1.41 7.80 25.74
C ALA A 79 2.21 8.85 26.49
N GLY A 80 3.05 8.43 27.43
CA GLY A 80 3.81 9.40 28.20
C GLY A 80 4.99 8.75 28.89
N PHE A 81 5.79 9.60 29.54
CA PHE A 81 6.98 9.13 30.24
C PHE A 81 7.08 9.81 31.60
N VAL A 82 7.50 9.03 32.59
CA VAL A 82 7.55 9.46 33.99
C VAL A 82 8.99 9.39 34.47
N ASN A 83 9.43 10.48 35.09
CA ASN A 83 10.71 10.51 35.79
C ASN A 83 10.43 10.22 37.26
N THR A 84 10.79 9.02 37.71
CA THR A 84 10.55 8.65 39.10
C THR A 84 11.47 9.40 40.05
N ALA A 85 12.69 9.71 39.62
CA ALA A 85 13.59 10.47 40.46
C ALA A 85 12.97 11.80 40.86
N THR A 86 12.40 12.51 39.89
CA THR A 86 11.69 13.75 40.15
C THR A 86 10.22 13.53 40.48
N ASN A 87 9.73 12.30 40.34
CA ASN A 87 8.33 12.00 40.63
C ASN A 87 7.40 12.86 39.78
N THR A 88 7.74 13.00 38.50
CA THR A 88 7.01 13.87 37.58
C THR A 88 6.60 13.09 36.35
N PHE A 89 5.57 13.55 35.66
CA PHE A 89 5.01 12.88 34.49
C PHE A 89 4.90 13.88 33.35
N TYR A 90 5.40 13.48 32.17
CA TYR A 90 5.23 14.24 30.94
C TYR A 90 4.35 13.46 29.99
N ARG A 91 3.45 14.16 29.32
CA ARG A 91 2.45 13.58 28.45
C ARG A 91 2.58 14.17 27.06
N PHE A 92 2.45 13.33 26.03
CA PHE A 92 2.51 13.82 24.67
C PHE A 92 1.31 14.71 24.37
N SER A 93 1.54 15.75 23.56
CA SER A 93 0.49 16.71 23.28
C SER A 93 -0.73 16.04 22.64
N ASP A 94 -0.49 15.15 21.68
CA ASP A 94 -1.59 14.43 21.06
C ASP A 94 -2.23 13.41 22.00
N PHE A 95 -1.61 13.12 23.15
CA PHE A 95 -2.14 12.16 24.10
C PHE A 95 -2.79 12.85 25.30
N THR A 96 -3.24 14.10 25.10
CA THR A 96 -3.84 14.84 26.20
C THR A 96 -4.97 14.05 26.85
N HIS A 97 -5.75 13.32 26.05
CA HIS A 97 -6.82 12.51 26.60
C HIS A 97 -6.28 11.47 27.57
N ILE A 98 -5.05 11.00 27.35
CA ILE A 98 -4.45 9.97 28.20
C ILE A 98 -3.64 10.68 29.28
N SER A 99 -4.01 10.46 30.54
N SER A 99 -4.01 10.46 30.54
CA SER A 99 -3.34 11.06 31.68
CA SER A 99 -3.33 11.05 31.68
C SER A 99 -3.15 10.02 32.76
C SER A 99 -3.15 10.02 32.76
N VAL A 100 -2.13 10.24 33.60
CA VAL A 100 -1.80 9.35 34.70
C VAL A 100 -2.02 10.10 36.00
N PRO A 101 -3.13 9.84 36.69
CA PRO A 101 -3.35 10.50 37.99
C PRO A 101 -2.39 9.97 39.05
N GLY A 102 -2.19 10.80 40.07
CA GLY A 102 -1.31 10.46 41.17
C GLY A 102 0.14 10.89 40.97
N VAL A 103 0.49 11.41 39.80
CA VAL A 103 1.84 11.90 39.52
C VAL A 103 1.73 13.31 38.98
N THR A 104 2.81 14.06 39.14
CA THR A 104 2.83 15.44 38.67
C THR A 104 2.87 15.47 37.15
N THR A 105 1.69 15.53 36.53
CA THR A 105 1.61 15.61 35.08
C THR A 105 2.13 16.96 34.60
N VAL A 106 2.91 16.94 33.53
CA VAL A 106 3.48 18.16 32.95
C VAL A 106 3.29 18.08 31.44
N SER A 107 2.72 19.14 30.87
CA SER A 107 2.46 19.16 29.44
C SER A 107 3.77 19.25 28.65
N MET A 108 3.82 18.52 27.54
CA MET A 108 4.96 18.54 26.63
C MET A 108 4.45 19.01 25.28
N THR A 109 5.08 20.03 24.73
CA THR A 109 4.61 20.59 23.46
C THR A 109 4.67 19.56 22.34
N THR A 110 5.76 18.78 22.28
CA THR A 110 5.92 17.82 21.22
C THR A 110 4.84 16.75 21.30
N ASP A 111 4.39 16.28 20.14
CA ASP A 111 3.40 15.23 20.05
C ASP A 111 4.09 13.88 19.81
N SER A 112 3.31 12.81 19.75
CA SER A 112 3.84 11.47 19.52
C SER A 112 3.86 11.09 18.05
N SER A 113 3.45 11.99 17.15
CA SER A 113 3.40 11.66 15.74
C SER A 113 4.79 11.30 15.23
N TYR A 114 4.85 10.27 14.39
CA TYR A 114 6.13 9.84 13.84
C TYR A 114 6.77 10.94 13.01
N THR A 115 5.97 11.67 12.24
CA THR A 115 6.52 12.74 11.40
C THR A 115 7.20 13.81 12.25
N THR A 116 6.58 14.21 13.35
CA THR A 116 7.18 15.22 14.22
C THR A 116 8.49 14.72 14.81
N LEU A 117 8.51 13.45 15.26
CA LEU A 117 9.72 12.90 15.83
C LEU A 117 10.85 12.85 14.81
N GLN A 118 10.55 12.42 13.58
CA GLN A 118 11.57 12.39 12.54
C GLN A 118 12.06 13.80 12.23
N ARG A 119 11.14 14.77 12.16
N ARG A 119 11.14 14.77 12.16
CA ARG A 119 11.53 16.14 11.83
CA ARG A 119 11.51 16.14 11.84
C ARG A 119 12.46 16.71 12.90
C ARG A 119 12.44 16.70 12.91
N VAL A 120 12.07 16.58 14.18
CA VAL A 120 12.90 17.11 15.25
C VAL A 120 14.24 16.39 15.27
N ALA A 121 14.22 15.06 15.11
CA ALA A 121 15.47 14.33 14.95
C ALA A 121 16.24 14.80 13.73
N ALA A 122 15.52 15.25 12.71
CA ALA A 122 16.12 15.73 11.46
C ALA A 122 16.96 14.63 10.80
N LEU A 123 16.68 13.37 11.16
CA LEU A 123 17.42 12.24 10.61
C LEU A 123 16.43 11.20 10.14
N GLU A 124 16.80 10.52 9.05
CA GLU A 124 15.95 9.47 8.50
C GLU A 124 15.80 8.34 9.53
N ARG A 125 14.61 7.76 9.59
CA ARG A 125 14.35 6.73 10.59
C ARG A 125 15.15 5.47 10.33
N SER A 126 15.78 5.36 9.16
CA SER A 126 16.66 4.23 8.89
C SER A 126 18.12 4.65 8.96
N GLY A 127 18.88 3.92 9.77
CA GLY A 127 20.32 4.13 9.85
C GLY A 127 20.84 4.58 11.19
N MET A 128 19.99 4.86 12.17
CA MET A 128 20.50 5.30 13.46
C MET A 128 21.28 4.19 14.15
N GLN A 129 22.24 4.59 14.97
CA GLN A 129 23.08 3.66 15.73
C GLN A 129 22.74 3.78 17.20
N ILE A 130 22.43 2.65 17.84
CA ILE A 130 22.01 2.62 19.24
C ILE A 130 23.03 1.77 19.99
N SER A 131 23.59 2.32 21.06
CA SER A 131 24.62 1.67 21.83
C SER A 131 24.38 1.89 23.31
N ARG A 132 25.03 1.06 24.14
CA ARG A 132 24.81 1.13 25.57
C ARG A 132 25.24 2.47 26.14
N HIS A 133 26.44 2.95 25.77
CA HIS A 133 26.89 4.24 26.26
C HIS A 133 26.02 5.38 25.72
N SER A 134 25.64 5.30 24.45
CA SER A 134 24.72 6.30 23.90
C SER A 134 23.38 6.26 24.61
N LEU A 135 22.89 5.05 24.91
CA LEU A 135 21.64 4.93 25.66
C LEU A 135 21.76 5.57 27.03
N VAL A 136 22.89 5.34 27.71
CA VAL A 136 23.09 5.93 29.04
C VAL A 136 23.16 7.46 28.94
N SER A 137 23.84 7.97 27.93
CA SER A 137 23.93 9.42 27.76
C SER A 137 22.56 10.02 27.51
N SER A 138 21.77 9.39 26.65
CA SER A 138 20.41 9.87 26.39
C SER A 138 19.56 9.81 27.65
N TYR A 139 19.66 8.72 28.41
CA TYR A 139 18.98 8.62 29.69
C TYR A 139 19.33 9.80 30.58
N LEU A 140 20.62 10.04 30.79
CA LEU A 140 21.04 11.10 31.70
C LEU A 140 20.57 12.46 31.20
N ALA A 141 20.66 12.70 29.90
CA ALA A 141 20.17 13.95 29.34
C ALA A 141 18.69 14.15 29.65
N LEU A 142 17.87 13.13 29.39
CA LEU A 142 16.45 13.26 29.65
C LEU A 142 16.17 13.46 31.14
N MET A 143 16.87 12.75 32.01
CA MET A 143 16.66 12.91 33.45
C MET A 143 16.94 14.35 33.88
N GLU A 144 18.11 14.88 33.52
CA GLU A 144 18.42 16.27 33.83
C GLU A 144 17.62 17.25 32.98
N PHE A 145 17.33 16.92 31.73
CA PHE A 145 16.54 17.78 30.86
C PHE A 145 15.07 17.73 31.27
N SER A 146 14.38 18.83 31.06
CA SER A 146 12.97 18.95 31.41
C SER A 146 12.35 20.06 30.57
N GLY A 147 11.13 20.45 30.92
CA GLY A 147 10.47 21.56 30.26
C GLY A 147 9.26 21.17 29.45
N ASN A 148 9.00 21.94 28.38
CA ASN A 148 7.81 21.74 27.56
C ASN A 148 8.10 21.23 26.16
N THR A 149 9.33 20.82 25.87
CA THR A 149 9.69 20.30 24.55
C THR A 149 10.95 19.49 24.67
N MET A 150 11.14 18.54 23.75
CA MET A 150 12.39 17.79 23.69
C MET A 150 13.34 18.43 22.70
N THR A 151 14.54 18.77 23.18
CA THR A 151 15.56 19.35 22.33
C THR A 151 16.08 18.31 21.34
N ARG A 152 17.03 18.74 20.50
CA ARG A 152 17.56 17.84 19.47
C ARG A 152 18.27 16.64 20.10
N ASP A 153 19.05 16.89 21.14
CA ASP A 153 19.63 15.78 21.90
C ASP A 153 18.51 14.94 22.52
N ALA A 154 17.52 15.59 23.11
CA ALA A 154 16.35 14.85 23.55
C ALA A 154 15.63 14.22 22.37
N SER A 155 15.79 14.79 21.17
CA SER A 155 15.21 14.18 19.98
C SER A 155 15.85 12.81 19.72
N ARG A 156 17.18 12.73 19.73
CA ARG A 156 17.80 11.41 19.62
C ARG A 156 17.38 10.51 20.77
N ALA A 157 17.33 11.05 21.99
CA ALA A 157 16.93 10.22 23.13
C ALA A 157 15.57 9.58 22.89
N VAL A 158 14.58 10.39 22.53
CA VAL A 158 13.21 9.91 22.39
C VAL A 158 13.10 8.96 21.21
N LEU A 159 13.74 9.28 20.08
CA LEU A 159 13.63 8.38 18.93
C LEU A 159 14.27 7.03 19.24
N ARG A 160 15.42 7.04 19.91
CA ARG A 160 16.08 5.78 20.26
C ARG A 160 15.24 4.97 21.23
N PHE A 161 14.62 5.63 22.22
CA PHE A 161 13.81 4.89 23.18
C PHE A 161 12.53 4.35 22.57
N VAL A 162 11.86 5.14 21.73
CA VAL A 162 10.64 4.65 21.09
C VAL A 162 10.96 3.53 20.11
N THR A 163 12.11 3.61 19.43
CA THR A 163 12.48 2.56 18.49
C THR A 163 12.64 1.21 19.19
N VAL A 164 13.25 1.21 20.37
CA VAL A 164 13.50 -0.04 21.10
C VAL A 164 12.28 -0.53 21.86
N THR A 165 11.15 0.16 21.78
CA THR A 165 9.97 -0.20 22.55
C THR A 165 8.77 -0.55 21.69
N ALA A 166 8.44 0.29 20.70
CA ALA A 166 7.21 0.08 19.93
C ALA A 166 7.38 -1.08 18.96
N GLU A 167 8.31 -0.94 18.00
CA GLU A 167 8.51 -2.01 17.02
C GLU A 167 9.15 -3.23 17.67
N ALA A 168 9.93 -3.03 18.74
CA ALA A 168 10.51 -4.18 19.44
C ALA A 168 9.43 -5.11 19.94
N LEU A 169 8.37 -4.56 20.54
CA LEU A 169 7.24 -5.38 20.96
C LEU A 169 6.43 -5.86 19.77
N ARG A 170 6.15 -4.96 18.83
CA ARG A 170 5.29 -5.31 17.70
C ARG A 170 5.90 -6.40 16.83
N PHE A 171 7.20 -6.30 16.55
CA PHE A 171 7.86 -7.12 15.55
C PHE A 171 8.97 -7.95 16.17
N ARG A 172 9.13 -9.17 15.65
CA ARG A 172 10.10 -10.13 16.17
C ARG A 172 11.49 -9.95 15.61
N GLN A 173 11.68 -9.10 14.59
CA GLN A 173 13.01 -8.87 14.05
C GLN A 173 13.87 -8.06 15.00
N ILE A 174 13.32 -6.99 15.56
CA ILE A 174 14.12 -6.10 16.40
C ILE A 174 14.70 -6.86 17.58
N GLN A 175 13.86 -7.60 18.30
CA GLN A 175 14.36 -8.38 19.43
C GLN A 175 15.39 -9.40 18.97
N ARG A 176 15.12 -10.06 17.84
CA ARG A 176 16.08 -11.01 17.29
C ARG A 176 17.37 -10.31 16.86
N GLU A 177 17.25 -9.15 16.22
CA GLU A 177 18.40 -8.43 15.70
C GLU A 177 18.96 -7.39 16.66
N PHE A 178 18.38 -7.25 17.86
CA PHE A 178 18.92 -6.36 18.87
C PHE A 178 19.51 -7.09 20.08
N ARG A 179 19.25 -8.39 20.22
CA ARG A 179 19.81 -9.12 21.34
C ARG A 179 21.33 -9.15 21.27
N GLN A 180 21.89 -9.30 20.06
CA GLN A 180 23.33 -9.32 19.93
C GLN A 180 23.95 -8.02 20.44
N ALA A 181 23.26 -6.89 20.27
CA ALA A 181 23.77 -5.62 20.79
C ALA A 181 24.05 -5.69 22.28
N LEU A 182 23.35 -6.56 23.00
CA LEU A 182 23.63 -6.80 24.41
C LEU A 182 24.81 -7.75 24.61
N SER A 183 25.30 -8.38 23.55
CA SER A 183 26.35 -9.38 23.67
C SER A 183 27.65 -8.74 24.11
N GLU A 184 28.67 -9.58 24.30
CA GLU A 184 29.99 -9.08 24.70
C GLU A 184 30.54 -8.13 23.65
N THR A 185 30.45 -8.51 22.37
CA THR A 185 30.80 -7.58 21.30
C THR A 185 29.85 -6.39 21.28
N ALA A 186 28.56 -6.63 21.50
CA ALA A 186 27.56 -5.57 21.53
C ALA A 186 27.60 -4.77 20.25
N PRO A 187 27.37 -5.39 19.09
CA PRO A 187 27.31 -4.62 17.84
C PRO A 187 26.24 -3.55 17.91
N VAL A 188 26.52 -2.41 17.29
CA VAL A 188 25.62 -1.27 17.32
C VAL A 188 24.54 -1.49 16.27
N TYR A 189 23.28 -1.44 16.69
CA TYR A 189 22.16 -1.71 15.79
C TYR A 189 22.02 -0.61 14.76
N THR A 190 21.61 -1.00 13.56
CA THR A 190 21.32 -0.06 12.48
C THR A 190 19.90 -0.32 11.98
N MET A 191 19.10 0.73 11.92
CA MET A 191 17.71 0.59 11.50
C MET A 191 17.64 0.52 9.98
N THR A 192 17.32 -0.68 9.46
CA THR A 192 17.32 -0.94 8.04
C THR A 192 16.01 -0.47 7.39
N PRO A 193 16.03 -0.11 6.10
CA PRO A 193 14.79 0.35 5.46
C PRO A 193 13.67 -0.68 5.48
N GLY A 194 14.00 -1.97 5.40
CA GLY A 194 12.94 -2.98 5.42
C GLY A 194 12.18 -2.98 6.73
N ASP A 195 12.89 -2.88 7.85
CA ASP A 195 12.22 -2.78 9.14
C ASP A 195 11.37 -1.52 9.22
N VAL A 196 11.86 -0.42 8.64
CA VAL A 196 11.08 0.81 8.61
C VAL A 196 9.77 0.60 7.85
N ASP A 197 9.86 -0.05 6.68
CA ASP A 197 8.66 -0.29 5.89
C ASP A 197 7.68 -1.18 6.64
N LEU A 198 8.20 -2.21 7.32
CA LEU A 198 7.32 -3.07 8.12
C LEU A 198 6.65 -2.28 9.24
N THR A 199 7.40 -1.39 9.89
CA THR A 199 6.82 -0.58 10.96
C THR A 199 5.72 0.34 10.43
N LEU A 200 5.97 0.96 9.27
CA LEU A 200 5.00 1.92 8.73
C LEU A 200 3.69 1.24 8.40
N ASN A 201 3.74 -0.01 7.91
CA ASN A 201 2.56 -0.75 7.51
C ASN A 201 2.03 -1.65 8.62
N TRP A 202 2.23 -1.28 9.88
CA TRP A 202 1.80 -2.12 10.99
C TRP A 202 0.29 -2.29 10.99
N GLY A 203 -0.46 -1.20 10.79
CA GLY A 203 -1.91 -1.29 10.88
C GLY A 203 -2.53 -2.22 9.86
N ARG A 204 -2.12 -2.08 8.60
CA ARG A 204 -2.71 -2.90 7.55
C ARG A 204 -2.21 -4.34 7.63
N ILE A 205 -0.95 -4.55 8.01
CA ILE A 205 -0.47 -5.90 8.23
C ILE A 205 -1.28 -6.58 9.33
N SER A 206 -1.54 -5.84 10.42
CA SER A 206 -2.32 -6.40 11.51
C SER A 206 -3.77 -6.66 11.11
N ASN A 207 -4.31 -5.81 10.22
CA ASN A 207 -5.66 -6.05 9.72
C ASN A 207 -5.70 -7.27 8.82
N VAL A 208 -4.61 -7.51 8.08
CA VAL A 208 -4.57 -8.64 7.15
C VAL A 208 -4.38 -9.95 7.90
N LEU A 209 -3.56 -9.96 8.96
CA LEU A 209 -3.16 -11.20 9.59
C LEU A 209 -4.32 -12.07 10.05
N PRO A 210 -5.38 -11.54 10.68
CA PRO A 210 -6.38 -12.43 11.29
C PRO A 210 -6.95 -13.48 10.36
N GLU A 211 -7.19 -13.14 9.08
CA GLU A 211 -7.76 -14.10 8.16
C GLU A 211 -6.70 -15.03 7.57
N TYR A 212 -5.43 -14.84 7.95
CA TYR A 212 -4.39 -15.77 7.52
C TYR A 212 -4.69 -17.18 8.01
N ARG A 213 -4.52 -18.15 7.12
CA ARG A 213 -4.82 -19.56 7.39
C ARG A 213 -3.64 -20.44 7.03
N GLY A 214 -2.45 -20.06 7.47
CA GLY A 214 -1.26 -20.79 7.11
C GLY A 214 -0.83 -20.62 5.68
N GLU A 215 -1.28 -19.55 5.02
CA GLU A 215 -0.92 -19.29 3.64
C GLU A 215 0.58 -19.05 3.51
N ASP A 216 1.06 -19.05 2.26
CA ASP A 216 2.47 -18.86 1.97
C ASP A 216 2.78 -17.50 1.37
N GLY A 217 2.10 -17.12 0.29
CA GLY A 217 2.38 -15.87 -0.39
C GLY A 217 1.50 -14.73 0.05
N VAL A 218 2.03 -13.81 0.85
CA VAL A 218 1.31 -12.65 1.33
C VAL A 218 1.89 -11.41 0.66
N ARG A 219 1.01 -10.51 0.24
CA ARG A 219 1.39 -9.31 -0.51
C ARG A 219 0.53 -8.15 -0.01
N VAL A 220 1.09 -7.32 0.86
CA VAL A 220 0.40 -6.16 1.42
C VAL A 220 1.32 -4.96 1.27
N GLY A 221 0.97 -4.05 0.37
CA GLY A 221 1.79 -2.87 0.17
C GLY A 221 3.21 -3.22 -0.20
N ARG A 222 4.16 -2.51 0.42
CA ARG A 222 5.58 -2.77 0.19
C ARG A 222 6.02 -4.11 0.79
N ILE A 223 5.18 -4.75 1.59
CA ILE A 223 5.57 -5.93 2.34
C ILE A 223 5.11 -7.19 1.61
N SER A 224 5.98 -8.18 1.57
CA SER A 224 5.66 -9.48 0.98
C SER A 224 6.29 -10.58 1.83
N PHE A 225 5.53 -11.67 2.01
CA PHE A 225 5.97 -12.83 2.76
C PHE A 225 5.92 -14.05 1.84
N ASN A 226 7.03 -14.77 1.75
CA ASN A 226 7.13 -15.96 0.92
C ASN A 226 7.39 -17.24 1.69
N ASN A 227 7.47 -17.18 3.02
CA ASN A 227 7.72 -18.38 3.81
C ASN A 227 7.08 -18.21 5.19
N ILE A 228 6.83 -19.34 5.84
CA ILE A 228 6.21 -19.32 7.16
C ILE A 228 7.13 -18.66 8.18
N SER A 229 8.44 -18.88 8.06
CA SER A 229 9.38 -18.29 9.01
C SER A 229 9.32 -16.76 8.96
N ALA A 230 9.27 -16.20 7.76
CA ALA A 230 9.18 -14.75 7.65
C ALA A 230 7.90 -14.22 8.29
N ILE A 231 6.77 -14.90 8.05
CA ILE A 231 5.52 -14.48 8.65
C ILE A 231 5.61 -14.54 10.17
N LEU A 232 6.21 -15.61 10.69
CA LEU A 232 6.37 -15.73 12.14
C LEU A 232 7.22 -14.59 12.70
N GLY A 233 8.33 -14.28 12.04
CA GLY A 233 9.28 -13.32 12.53
C GLY A 233 8.95 -11.87 12.27
N THR A 234 7.99 -11.58 11.39
CA THR A 234 7.66 -10.21 11.05
C THR A 234 6.92 -9.50 12.18
N VAL A 235 5.75 -10.00 12.56
CA VAL A 235 4.89 -9.33 13.54
C VAL A 235 4.50 -10.33 14.61
N ALA A 236 4.49 -9.88 15.86
CA ALA A 236 4.04 -10.70 16.98
C ALA A 236 2.76 -10.19 17.61
N VAL A 237 2.38 -8.94 17.35
CA VAL A 237 1.20 -8.32 17.95
C VAL A 237 0.44 -7.59 16.87
N ILE A 238 -0.90 -7.67 16.93
CA ILE A 238 -1.77 -7.05 15.95
C ILE A 238 -2.85 -6.25 16.66
N LEU A 239 -3.45 -5.31 15.92
CA LEU A 239 -4.50 -4.46 16.46
C LEU A 239 -5.74 -5.28 16.76
N ASN A 240 -6.77 -4.61 17.28
CA ASN A 240 -8.02 -5.24 17.68
C ASN A 240 -9.11 -4.88 16.69
N CYS A 241 -9.92 -5.87 16.30
CA CYS A 241 -11.02 -5.69 15.36
C CYS A 241 -12.29 -6.18 16.06
N HIS A 242 -13.36 -5.39 15.97
CA HIS A 242 -14.62 -5.74 16.59
C HIS A 242 -15.78 -4.99 15.94
N PRO A 258 -15.43 -1.77 15.96
CA PRO A 258 -15.16 -2.00 14.53
C PRO A 258 -14.16 -0.99 13.97
N GLU A 259 -13.06 -0.75 14.69
CA GLU A 259 -12.07 0.20 14.22
C GLU A 259 -11.29 -0.35 13.03
N CYS A 260 -11.11 -1.68 12.97
CA CYS A 260 -10.32 -2.26 11.88
C CYS A 260 -10.94 -1.97 10.53
N GLN A 261 -12.27 -2.05 10.43
CA GLN A 261 -12.99 -1.82 9.19
C GLN A 261 -13.18 -0.31 9.00
N ILE A 262 -12.24 0.32 8.29
CA ILE A 262 -12.33 1.72 7.92
C ILE A 262 -12.23 1.90 6.41
N THR A 263 -11.26 1.24 5.79
CA THR A 263 -11.09 1.28 4.34
C THR A 263 -11.15 -0.13 3.79
N GLY A 264 -12.08 -0.37 2.87
CA GLY A 264 -12.21 -1.67 2.25
C GLY A 264 -13.08 -2.63 3.05
N ASP A 265 -14.10 -3.20 2.40
CA ASP A 265 -14.94 -4.18 3.08
C ASP A 265 -14.13 -5.38 3.53
N ARG A 266 -13.24 -5.87 2.66
CA ARG A 266 -12.32 -6.95 2.99
C ARG A 266 -10.94 -6.52 2.47
N PRO A 267 -9.91 -6.56 3.32
CA PRO A 267 -8.59 -6.11 2.87
C PRO A 267 -7.77 -7.22 2.25
N VAL A 268 -8.20 -8.47 2.42
CA VAL A 268 -7.43 -9.64 2.03
C VAL A 268 -8.17 -10.38 0.93
N ILE A 269 -7.44 -10.76 -0.12
CA ILE A 269 -7.97 -11.55 -1.22
C ILE A 269 -7.10 -12.79 -1.34
N LYS A 270 -7.72 -13.96 -1.18
CA LYS A 270 -7.02 -15.24 -1.27
C LYS A 270 -7.19 -15.77 -2.70
N ILE A 271 -6.22 -15.48 -3.55
CA ILE A 271 -6.25 -15.90 -4.95
C ILE A 271 -4.91 -16.52 -5.30
N ASN A 272 -4.95 -17.60 -6.09
CA ASN A 272 -3.73 -18.24 -6.58
C ASN A 272 -2.81 -18.61 -5.42
N ASN A 273 -3.40 -19.10 -4.34
CA ASN A 273 -2.66 -19.44 -3.13
C ASN A 273 -1.81 -18.24 -2.68
N THR A 274 -2.38 -17.05 -2.80
CA THR A 274 -1.68 -15.83 -2.46
C THR A 274 -2.66 -14.88 -1.78
N LEU A 275 -2.20 -14.21 -0.73
CA LEU A 275 -3.01 -13.24 0.00
C LEU A 275 -2.59 -11.84 -0.43
N TRP A 276 -3.40 -11.23 -1.28
CA TRP A 276 -3.15 -9.88 -1.76
C TRP A 276 -3.96 -8.88 -0.95
N GLU A 277 -3.31 -7.78 -0.54
CA GLU A 277 -4.04 -6.69 0.08
C GLU A 277 -4.96 -6.05 -0.93
N SER A 278 -6.19 -5.75 -0.52
N SER A 278 -6.19 -5.75 -0.52
CA SER A 278 -7.16 -5.15 -1.44
CA SER A 278 -7.16 -5.15 -1.44
C SER A 278 -6.67 -3.82 -1.97
C SER A 278 -6.67 -3.82 -1.97
N ASN A 279 -6.10 -2.99 -1.08
CA ASN A 279 -5.60 -1.68 -1.52
C ASN A 279 -4.47 -1.84 -2.52
N THR A 280 -3.56 -2.80 -2.28
CA THR A 280 -2.43 -2.99 -3.18
C THR A 280 -2.90 -3.32 -4.59
N ALA A 281 -3.88 -4.22 -4.71
CA ALA A 281 -4.39 -4.57 -6.03
C ALA A 281 -5.16 -3.42 -6.65
N ALA A 282 -6.06 -2.80 -5.88
CA ALA A 282 -6.91 -1.75 -6.43
C ALA A 282 -6.13 -0.51 -6.84
N ALA A 283 -4.96 -0.28 -6.25
CA ALA A 283 -4.20 0.93 -6.55
C ALA A 283 -3.81 0.98 -8.02
N PHE A 284 -3.19 -0.08 -8.52
CA PHE A 284 -2.72 -0.12 -9.91
C PHE A 284 -3.71 -0.77 -10.85
N LEU A 285 -4.90 -1.13 -10.37
CA LEU A 285 -5.94 -1.73 -11.19
C LEU A 285 -6.97 -0.71 -11.66
N ASN A 286 -6.54 0.53 -11.92
CA ASN A 286 -7.43 1.63 -12.27
C ASN A 286 -7.14 2.21 -13.64
N ARG A 287 -6.53 1.44 -14.54
CA ARG A 287 -6.22 1.96 -15.86
C ARG A 287 -7.48 2.33 -16.61
N LYS A 288 -7.48 3.52 -17.22
CA LYS A 288 -8.59 4.05 -17.98
C LYS A 288 -8.25 4.10 -19.46
N SER A 289 -9.15 4.68 -20.24
CA SER A 289 -8.90 4.83 -21.66
C SER A 289 -7.69 5.73 -21.88
N GLN A 290 -6.60 5.14 -22.37
CA GLN A 290 -5.33 5.84 -22.49
C GLN A 290 -4.75 5.82 -23.90
N PHE A 291 -5.25 4.98 -24.80
CA PHE A 291 -4.70 4.94 -26.15
C PHE A 291 -5.15 6.14 -26.97
N LEU A 292 -6.19 6.84 -26.52
CA LEU A 292 -6.70 7.98 -27.26
C LEU A 292 -5.62 9.02 -27.50
N TYR A 293 -4.69 9.16 -26.56
CA TYR A 293 -3.59 10.09 -26.75
C TYR A 293 -2.76 9.72 -27.98
N THR A 294 -2.45 8.45 -28.14
CA THR A 294 -1.59 7.98 -29.22
C THR A 294 -2.26 8.05 -30.59
N THR A 295 -3.58 8.27 -30.65
CA THR A 295 -4.27 8.39 -31.92
C THR A 295 -3.93 9.66 -32.66
N GLY A 296 -3.29 10.63 -32.01
CA GLY A 296 -2.93 11.87 -32.66
C GLY A 296 -4.07 12.87 -32.68
N LYS A 297 -3.79 14.01 -33.32
CA LYS A 297 -4.77 15.08 -33.43
C LYS A 297 -5.91 14.69 -34.36
N ALA B 1 -31.80 -13.12 -21.57
CA ALA B 1 -31.10 -13.88 -22.65
C ALA B 1 -29.62 -14.03 -22.33
N ASP B 2 -29.32 -14.28 -21.06
CA ASP B 2 -27.93 -14.46 -20.65
C ASP B 2 -27.32 -15.63 -21.38
N CYS B 3 -26.13 -15.41 -21.94
CA CYS B 3 -25.40 -16.45 -22.65
C CYS B 3 -24.50 -17.28 -21.75
N ALA B 4 -23.93 -16.66 -20.71
CA ALA B 4 -23.02 -17.36 -19.81
C ALA B 4 -22.98 -16.62 -18.49
N LYS B 5 -22.57 -17.32 -17.44
CA LYS B 5 -22.52 -16.75 -16.10
C LYS B 5 -21.42 -17.46 -15.32
N GLY B 6 -20.74 -16.71 -14.46
CA GLY B 6 -19.78 -17.31 -13.55
C GLY B 6 -18.49 -16.52 -13.40
N LYS B 7 -17.37 -17.22 -13.59
CA LYS B 7 -16.04 -16.66 -13.39
C LYS B 7 -15.14 -17.10 -14.54
N ILE B 8 -14.09 -16.32 -14.77
CA ILE B 8 -13.14 -16.57 -15.85
C ILE B 8 -11.76 -16.77 -15.24
N GLU B 9 -11.08 -17.83 -15.65
CA GLU B 9 -9.72 -18.11 -15.18
C GLU B 9 -8.66 -17.92 -16.24
N PHE B 10 -9.03 -17.52 -17.45
CA PHE B 10 -8.05 -17.14 -18.47
C PHE B 10 -8.79 -16.44 -19.61
N SER B 11 -8.07 -15.56 -20.30
CA SER B 11 -8.63 -14.80 -21.40
C SER B 11 -7.55 -14.61 -22.45
N LYS B 12 -7.97 -14.63 -23.72
CA LYS B 12 -7.07 -14.57 -24.86
C LYS B 12 -7.19 -13.21 -25.55
N TYR B 13 -6.07 -12.74 -26.09
CA TYR B 13 -6.05 -11.60 -27.00
C TYR B 13 -5.56 -12.11 -28.35
N ASN B 14 -6.49 -12.43 -29.24
CA ASN B 14 -6.11 -13.00 -30.52
C ASN B 14 -5.44 -11.92 -31.36
N GLU B 15 -4.61 -12.37 -32.31
CA GLU B 15 -3.72 -11.46 -33.02
C GLU B 15 -4.46 -10.48 -33.93
N ASP B 16 -5.75 -10.69 -34.18
CA ASP B 16 -6.53 -9.76 -35.01
C ASP B 16 -7.20 -8.68 -34.18
N ASP B 17 -6.62 -8.32 -33.03
CA ASP B 17 -7.21 -7.34 -32.11
C ASP B 17 -8.58 -7.80 -31.60
N THR B 18 -8.74 -9.10 -31.41
CA THR B 18 -9.96 -9.68 -30.83
C THR B 18 -9.62 -10.28 -29.48
N PHE B 19 -10.47 -10.02 -28.50
CA PHE B 19 -10.29 -10.54 -27.14
C PHE B 19 -11.41 -11.52 -26.82
N THR B 20 -11.03 -12.71 -26.36
CA THR B 20 -11.96 -13.77 -26.04
C THR B 20 -11.87 -14.10 -24.55
N VAL B 21 -13.00 -14.44 -23.96
CA VAL B 21 -13.12 -14.68 -22.53
C VAL B 21 -13.76 -16.04 -22.31
N LYS B 22 -13.20 -16.80 -21.37
CA LYS B 22 -13.72 -18.12 -21.00
C LYS B 22 -14.58 -17.95 -19.75
N VAL B 23 -15.86 -18.32 -19.88
CA VAL B 23 -16.82 -18.26 -18.77
C VAL B 23 -17.63 -19.56 -18.77
N ASP B 24 -17.78 -20.13 -17.58
CA ASP B 24 -18.51 -21.40 -17.38
C ASP B 24 -18.23 -22.37 -18.53
N GLY B 25 -16.95 -22.53 -18.84
CA GLY B 25 -16.53 -23.49 -19.84
C GLY B 25 -16.98 -23.18 -21.25
N LYS B 26 -16.89 -21.93 -21.67
CA LYS B 26 -17.19 -21.59 -23.06
C LYS B 26 -16.58 -20.22 -23.37
N GLU B 27 -16.17 -20.06 -24.62
CA GLU B 27 -15.45 -18.87 -25.06
C GLU B 27 -16.38 -17.92 -25.81
N TYR B 28 -16.30 -16.63 -25.46
CA TYR B 28 -17.02 -15.57 -26.16
C TYR B 28 -16.04 -14.46 -26.52
N TRP B 29 -16.17 -13.95 -27.75
CA TRP B 29 -15.21 -13.00 -28.28
C TRP B 29 -15.83 -11.63 -28.49
N THR B 30 -14.96 -10.61 -28.48
CA THR B 30 -15.38 -9.24 -28.76
C THR B 30 -14.15 -8.48 -29.26
N SER B 31 -14.36 -7.19 -29.54
CA SER B 31 -13.31 -6.31 -30.03
C SER B 31 -13.34 -4.95 -29.36
N ARG B 32 -14.18 -4.79 -28.33
CA ARG B 32 -14.31 -3.52 -27.63
C ARG B 32 -13.13 -3.35 -26.68
N TRP B 33 -12.31 -2.33 -26.94
CA TRP B 33 -11.05 -2.19 -26.20
C TRP B 33 -11.30 -1.90 -24.72
N ASN B 34 -12.32 -1.08 -24.43
CA ASN B 34 -12.58 -0.67 -23.05
C ASN B 34 -12.62 -1.86 -22.09
N LEU B 35 -12.85 -3.07 -22.59
CA LEU B 35 -12.95 -4.23 -21.70
C LEU B 35 -11.61 -4.59 -21.09
N GLN B 36 -10.51 -4.54 -21.85
CA GLN B 36 -9.23 -4.97 -21.29
C GLN B 36 -8.87 -4.26 -20.00
N PRO B 37 -8.94 -2.93 -19.90
CA PRO B 37 -8.58 -2.28 -18.63
C PRO B 37 -9.47 -2.68 -17.47
N LEU B 38 -10.66 -3.19 -17.73
CA LEU B 38 -11.63 -3.54 -16.68
C LEU B 38 -11.81 -5.03 -16.51
N LEU B 39 -12.05 -5.77 -17.60
CA LEU B 39 -12.31 -7.20 -17.47
C LEU B 39 -11.13 -7.93 -16.83
N GLN B 40 -9.90 -7.56 -17.20
CA GLN B 40 -8.74 -8.17 -16.59
C GLN B 40 -8.79 -8.04 -15.07
N SER B 41 -9.32 -6.92 -14.57
CA SER B 41 -9.45 -6.75 -13.13
C SER B 41 -10.28 -7.88 -12.53
N ALA B 42 -11.40 -8.21 -13.17
CA ALA B 42 -12.22 -9.31 -12.68
C ALA B 42 -11.41 -10.60 -12.57
N GLN B 43 -10.44 -10.80 -13.47
CA GLN B 43 -9.66 -12.02 -13.43
C GLN B 43 -8.89 -12.17 -12.11
N LEU B 44 -8.56 -11.05 -11.47
CA LEU B 44 -7.77 -11.06 -10.25
C LEU B 44 -8.58 -10.77 -8.99
N THR B 45 -9.91 -10.79 -9.06
CA THR B 45 -10.75 -10.39 -7.94
C THR B 45 -11.94 -11.30 -7.73
N GLY B 46 -12.03 -12.42 -8.45
CA GLY B 46 -13.19 -13.28 -8.31
C GLY B 46 -14.49 -12.55 -8.57
N MET B 47 -14.50 -11.67 -9.57
CA MET B 47 -15.63 -10.80 -9.82
C MET B 47 -16.59 -11.47 -10.78
N THR B 48 -17.76 -11.85 -10.28
CA THR B 48 -18.71 -12.62 -11.07
C THR B 48 -19.11 -11.84 -12.32
N VAL B 49 -19.21 -12.54 -13.44
CA VAL B 49 -19.48 -11.92 -14.73
C VAL B 49 -20.52 -12.75 -15.47
N THR B 50 -21.44 -12.07 -16.15
CA THR B 50 -22.46 -12.70 -16.98
C THR B 50 -22.51 -12.00 -18.33
N ILE B 51 -22.99 -12.71 -19.34
CA ILE B 51 -22.97 -12.23 -20.72
C ILE B 51 -24.38 -12.32 -21.28
N LYS B 52 -24.83 -11.23 -21.90
CA LYS B 52 -26.04 -11.21 -22.70
C LYS B 52 -25.71 -10.74 -24.11
N SER B 53 -26.28 -11.42 -25.09
CA SER B 53 -26.06 -11.09 -26.50
C SER B 53 -27.26 -11.57 -27.31
N SER B 54 -27.37 -11.05 -28.53
CA SER B 54 -28.46 -11.45 -29.40
C SER B 54 -28.41 -12.94 -29.69
N THR B 55 -27.23 -13.48 -30.00
CA THR B 55 -27.04 -14.89 -30.27
C THR B 55 -25.95 -15.44 -29.36
N CYS B 56 -26.31 -16.46 -28.58
CA CYS B 56 -25.37 -17.12 -27.67
C CYS B 56 -24.75 -18.36 -28.28
N GLU B 57 -25.05 -18.67 -29.54
CA GLU B 57 -24.54 -19.88 -30.16
C GLU B 57 -23.03 -19.95 -30.05
N SER B 58 -22.49 -21.16 -30.16
CA SER B 58 -21.06 -21.38 -29.94
C SER B 58 -20.23 -20.54 -30.90
N GLY B 59 -19.24 -19.83 -30.34
CA GLY B 59 -18.38 -18.97 -31.13
C GLY B 59 -18.94 -17.59 -31.40
N SER B 60 -20.18 -17.33 -31.02
CA SER B 60 -20.75 -16.00 -31.22
C SER B 60 -20.00 -14.98 -30.38
N GLY B 61 -19.87 -13.77 -30.91
CA GLY B 61 -19.25 -12.71 -30.16
C GLY B 61 -20.14 -12.19 -29.06
N PHE B 62 -19.54 -11.44 -28.14
CA PHE B 62 -20.27 -10.87 -27.00
C PHE B 62 -20.09 -9.36 -26.99
N ALA B 63 -21.19 -8.67 -26.67
CA ALA B 63 -21.19 -7.21 -26.60
C ALA B 63 -21.66 -6.67 -25.25
N GLU B 64 -22.58 -7.34 -24.57
CA GLU B 64 -23.12 -6.86 -23.30
C GLU B 64 -22.66 -7.80 -22.19
N VAL B 65 -21.99 -7.25 -21.18
N VAL B 65 -21.99 -7.25 -21.18
CA VAL B 65 -21.49 -8.00 -20.04
CA VAL B 65 -21.49 -8.00 -20.04
C VAL B 65 -21.94 -7.31 -18.77
C VAL B 65 -21.96 -7.30 -18.78
N GLN B 66 -22.50 -8.07 -17.83
CA GLN B 66 -22.94 -7.55 -16.55
C GLN B 66 -22.02 -8.09 -15.46
N PHE B 67 -21.54 -7.18 -14.61
CA PHE B 67 -20.60 -7.51 -13.55
C PHE B 67 -21.31 -7.48 -12.20
N ASN B 68 -21.20 -8.58 -11.46
CA ASN B 68 -21.79 -8.70 -10.13
C ASN B 68 -20.73 -9.17 -9.16
N ASN B 69 -20.69 -8.53 -7.98
CA ASN B 69 -19.73 -8.94 -6.96
C ASN B 69 -20.11 -10.28 -6.35
N ASP B 70 -21.37 -10.44 -5.96
CA ASP B 70 -21.85 -11.69 -5.36
C ASP B 70 -20.91 -12.17 -4.27
N ALA C 1 -30.64 16.12 0.90
CA ALA C 1 -29.72 16.73 -0.10
C ALA C 1 -29.01 15.65 -0.91
N ASP C 2 -28.69 14.54 -0.26
CA ASP C 2 -28.01 13.41 -0.90
C ASP C 2 -29.07 12.45 -1.41
N CYS C 3 -29.11 12.26 -2.74
CA CYS C 3 -30.09 11.35 -3.33
C CYS C 3 -29.89 9.93 -2.81
N ALA C 4 -28.66 9.43 -2.86
CA ALA C 4 -28.41 8.06 -2.39
C ALA C 4 -26.96 7.96 -1.92
N LYS C 5 -26.78 7.62 -0.65
CA LYS C 5 -25.47 7.42 -0.05
C LYS C 5 -25.36 5.97 0.39
N GLY C 6 -24.85 5.13 -0.51
CA GLY C 6 -24.71 3.72 -0.20
C GLY C 6 -23.75 3.07 -1.16
N LYS C 7 -23.50 1.79 -0.93
CA LYS C 7 -22.57 1.02 -1.76
C LYS C 7 -23.21 0.78 -3.13
N ILE C 8 -22.42 1.04 -4.18
CA ILE C 8 -22.89 0.78 -5.53
C ILE C 8 -22.94 -0.72 -5.77
N GLU C 9 -24.06 -1.18 -6.34
N GLU C 9 -24.06 -1.19 -6.33
CA GLU C 9 -24.20 -2.60 -6.67
CA GLU C 9 -24.16 -2.61 -6.67
C GLU C 9 -23.50 -2.91 -8.00
C GLU C 9 -23.48 -2.90 -8.00
N PHE C 10 -23.98 -2.31 -9.08
CA PHE C 10 -23.43 -2.54 -10.41
C PHE C 10 -24.04 -1.55 -11.39
N SER C 11 -23.68 -1.72 -12.66
CA SER C 11 -24.23 -0.95 -13.76
C SER C 11 -24.44 -1.87 -14.95
N LYS C 12 -25.30 -1.45 -15.86
CA LYS C 12 -25.52 -2.09 -17.15
C LYS C 12 -24.68 -1.37 -18.20
N TYR C 13 -23.93 -2.14 -18.99
CA TYR C 13 -23.11 -1.61 -20.07
C TYR C 13 -23.58 -2.25 -21.37
N ASN C 14 -24.58 -1.65 -22.00
CA ASN C 14 -25.20 -2.18 -23.20
C ASN C 14 -24.29 -1.90 -24.41
N GLU C 15 -24.67 -2.45 -25.56
CA GLU C 15 -23.85 -2.33 -26.76
C GLU C 15 -23.47 -0.88 -27.03
N ASP C 16 -24.40 0.06 -26.81
CA ASP C 16 -24.08 1.47 -26.97
C ASP C 16 -23.16 1.99 -25.87
N ASP C 17 -22.69 1.12 -24.98
CA ASP C 17 -21.76 1.47 -23.91
C ASP C 17 -22.39 2.39 -22.88
N THR C 18 -23.72 2.51 -22.87
CA THR C 18 -24.39 3.30 -21.86
C THR C 18 -24.10 2.72 -20.47
N PHE C 19 -23.72 3.60 -19.55
CA PHE C 19 -23.32 3.22 -18.20
C PHE C 19 -24.51 3.47 -17.29
N THR C 20 -25.43 2.51 -17.24
CA THR C 20 -26.61 2.64 -16.39
C THR C 20 -26.35 2.03 -15.03
N VAL C 21 -25.77 2.83 -14.14
CA VAL C 21 -25.46 2.39 -12.78
C VAL C 21 -26.74 2.36 -11.98
N LYS C 22 -26.73 1.64 -10.87
CA LYS C 22 -27.86 1.73 -9.97
C LYS C 22 -27.38 1.45 -8.55
N VAL C 23 -27.80 2.31 -7.62
CA VAL C 23 -27.37 2.26 -6.23
C VAL C 23 -28.58 2.46 -5.33
N ASP C 24 -28.67 1.66 -4.27
CA ASP C 24 -29.72 1.82 -3.26
C ASP C 24 -31.11 1.74 -3.88
N GLY C 25 -31.24 0.96 -4.96
CA GLY C 25 -32.53 0.81 -5.62
C GLY C 25 -32.88 1.91 -6.60
N LYS C 26 -31.96 2.83 -6.88
CA LYS C 26 -32.20 3.93 -7.81
C LYS C 26 -31.28 3.78 -9.01
N GLU C 27 -31.87 3.80 -10.21
CA GLU C 27 -31.14 3.61 -11.46
C GLU C 27 -30.85 4.96 -12.10
N TYR C 28 -29.57 5.22 -12.32
CA TYR C 28 -29.11 6.46 -12.93
C TYR C 28 -28.19 6.12 -14.09
N TRP C 29 -28.42 6.75 -15.23
CA TRP C 29 -27.65 6.47 -16.44
C TRP C 29 -26.68 7.61 -16.73
N THR C 30 -25.43 7.25 -17.00
CA THR C 30 -24.39 8.20 -17.37
C THR C 30 -23.66 7.65 -18.59
N SER C 31 -22.98 8.54 -19.30
CA SER C 31 -22.33 8.24 -20.57
C SER C 31 -20.88 8.67 -20.56
N ARG C 32 -20.15 8.32 -19.50
CA ARG C 32 -18.73 8.61 -19.37
C ARG C 32 -17.94 7.31 -19.38
N TRP C 33 -16.69 7.39 -19.82
CA TRP C 33 -15.88 6.18 -20.00
C TRP C 33 -14.69 6.15 -19.06
N ASN C 34 -14.10 7.31 -18.74
CA ASN C 34 -12.95 7.33 -17.86
C ASN C 34 -13.30 7.00 -16.42
N LEU C 35 -14.58 6.99 -16.06
CA LEU C 35 -14.96 6.67 -14.70
C LEU C 35 -15.18 5.17 -14.52
N GLN C 36 -15.11 4.39 -15.59
CA GLN C 36 -15.34 2.95 -15.47
C GLN C 36 -14.35 2.29 -14.52
N PRO C 37 -13.03 2.48 -14.65
CA PRO C 37 -12.12 1.84 -13.70
C PRO C 37 -12.20 2.44 -12.32
N LEU C 38 -12.40 3.76 -12.23
CA LEU C 38 -12.55 4.39 -10.93
C LEU C 38 -13.71 3.80 -10.16
N LEU C 39 -14.84 3.55 -10.82
CA LEU C 39 -15.99 2.96 -10.17
C LEU C 39 -15.85 1.47 -9.93
N GLN C 40 -15.19 0.73 -10.83
CA GLN C 40 -15.00 -0.69 -10.58
C GLN C 40 -14.07 -0.92 -9.40
N SER C 41 -13.05 -0.08 -9.24
CA SER C 41 -12.18 -0.19 -8.08
C SER C 41 -12.94 0.04 -6.79
N ALA C 42 -13.85 1.04 -6.79
CA ALA C 42 -14.69 1.26 -5.63
C ALA C 42 -15.60 0.07 -5.38
N GLN C 43 -16.17 -0.50 -6.45
CA GLN C 43 -17.09 -1.61 -6.30
C GLN C 43 -16.40 -2.82 -5.67
N LEU C 44 -15.27 -3.24 -6.22
CA LEU C 44 -14.59 -4.43 -5.75
C LEU C 44 -14.11 -4.31 -4.30
N THR C 45 -13.76 -3.10 -3.85
CA THR C 45 -13.27 -2.90 -2.50
C THR C 45 -14.37 -2.56 -1.51
N GLY C 46 -15.64 -2.60 -1.92
CA GLY C 46 -16.72 -2.27 -1.02
C GLY C 46 -16.88 -0.79 -0.76
N MET C 47 -16.19 0.04 -1.54
CA MET C 47 -16.18 1.49 -1.32
C MET C 47 -17.59 2.03 -1.54
N THR C 48 -18.04 2.92 -0.65
CA THR C 48 -19.38 3.48 -0.78
C THR C 48 -19.41 4.60 -1.81
N VAL C 49 -20.62 4.93 -2.26
CA VAL C 49 -20.82 5.98 -3.25
C VAL C 49 -22.00 6.85 -2.84
N THR C 50 -21.85 8.15 -3.05
CA THR C 50 -22.89 9.14 -2.80
C THR C 50 -23.23 9.86 -4.09
N ILE C 51 -24.52 9.92 -4.41
CA ILE C 51 -25.04 10.60 -5.58
C ILE C 51 -26.05 11.64 -5.12
N LYS C 52 -25.92 12.85 -5.66
CA LYS C 52 -26.82 13.97 -5.38
C LYS C 52 -27.61 14.32 -6.63
N SER C 53 -28.79 14.90 -6.42
CA SER C 53 -29.56 15.47 -7.51
C SER C 53 -30.80 16.13 -6.93
N SER C 54 -31.31 17.14 -7.64
CA SER C 54 -32.55 17.78 -7.22
C SER C 54 -33.71 16.81 -7.30
N THR C 55 -33.83 16.10 -8.42
CA THR C 55 -34.81 15.03 -8.60
C THR C 55 -34.06 13.71 -8.55
N CYS C 56 -34.30 12.93 -7.49
CA CYS C 56 -33.54 11.72 -7.23
C CYS C 56 -34.23 10.45 -7.72
N GLU C 57 -35.33 10.57 -8.45
CA GLU C 57 -35.97 9.41 -9.04
C GLU C 57 -35.11 8.87 -10.19
N SER C 58 -35.28 7.59 -10.48
CA SER C 58 -34.50 6.97 -11.54
C SER C 58 -34.82 7.62 -12.89
N GLY C 59 -33.78 7.77 -13.70
CA GLY C 59 -33.94 8.38 -15.01
C GLY C 59 -33.91 9.89 -15.03
N SER C 60 -33.57 10.54 -13.93
N SER C 60 -33.57 10.55 -13.93
CA SER C 60 -33.49 11.99 -13.85
CA SER C 60 -33.49 11.99 -13.85
C SER C 60 -32.05 12.46 -14.01
C SER C 60 -32.05 12.46 -14.01
N GLY C 61 -31.89 13.78 -14.09
CA GLY C 61 -30.56 14.34 -14.23
C GLY C 61 -29.69 14.10 -13.02
N PHE C 62 -28.38 14.01 -13.29
CA PHE C 62 -27.38 13.76 -12.26
C PHE C 62 -26.22 14.73 -12.46
N ALA C 63 -25.67 15.22 -11.36
CA ALA C 63 -24.55 16.16 -11.44
C ALA C 63 -23.47 15.95 -10.39
N GLU C 64 -23.58 14.96 -9.51
CA GLU C 64 -22.59 14.81 -8.44
C GLU C 64 -22.56 13.35 -7.97
N VAL C 65 -21.51 12.63 -8.39
CA VAL C 65 -21.19 11.30 -7.91
C VAL C 65 -19.84 11.36 -7.20
N GLN C 66 -19.74 10.71 -6.05
CA GLN C 66 -18.51 10.77 -5.28
C GLN C 66 -18.41 9.53 -4.39
N PHE C 67 -17.22 9.34 -3.82
CA PHE C 67 -16.96 8.28 -2.85
C PHE C 67 -16.53 8.91 -1.53
N ASN C 68 -17.06 8.37 -0.43
CA ASN C 68 -16.86 8.95 0.90
C ASN C 68 -15.93 8.06 1.70
N ASN C 69 -14.70 8.54 1.93
CA ASN C 69 -13.72 7.76 2.69
C ASN C 69 -14.20 7.50 4.11
N ASP C 70 -14.75 8.53 4.76
CA ASP C 70 -15.24 8.39 6.13
C ASP C 70 -16.56 7.63 6.16
N ALA D 1 6.38 26.25 1.50
CA ALA D 1 5.37 26.77 0.51
C ALA D 1 4.72 25.61 -0.24
N ASP D 2 3.66 25.06 0.35
CA ASP D 2 2.94 23.93 -0.22
C ASP D 2 1.47 24.29 -0.33
N CYS D 3 0.88 24.06 -1.51
CA CYS D 3 -0.56 24.27 -1.65
C CYS D 3 -1.33 23.30 -0.76
N ALA D 4 -0.92 22.03 -0.71
CA ALA D 4 -1.54 21.10 0.22
C ALA D 4 -0.64 19.87 0.38
N LYS D 5 -0.82 19.17 1.49
CA LYS D 5 -0.04 17.99 1.82
C LYS D 5 -0.84 17.11 2.78
N GLY D 6 -0.69 15.80 2.63
CA GLY D 6 -1.37 14.86 3.51
C GLY D 6 -1.94 13.67 2.78
N LYS D 7 -3.24 13.44 2.96
CA LYS D 7 -3.95 12.33 2.33
C LYS D 7 -5.22 12.87 1.69
N ILE D 8 -5.90 12.00 0.95
CA ILE D 8 -7.25 12.33 0.43
C ILE D 8 -8.23 11.83 1.48
N GLU D 9 -8.43 12.66 2.51
CA GLU D 9 -9.39 12.29 3.55
C GLU D 9 -10.82 12.31 3.01
N PHE D 10 -11.11 13.24 2.10
CA PHE D 10 -12.39 13.28 1.41
C PHE D 10 -12.20 14.05 0.11
N SER D 11 -12.84 13.59 -0.95
CA SER D 11 -12.71 14.18 -2.27
C SER D 11 -14.09 14.35 -2.90
N LYS D 12 -14.11 15.05 -4.03
CA LYS D 12 -15.34 15.33 -4.75
C LYS D 12 -15.04 15.40 -6.25
N TYR D 13 -16.08 15.17 -7.04
CA TYR D 13 -15.96 15.24 -8.49
C TYR D 13 -17.24 15.86 -9.06
N ASN D 14 -17.12 16.42 -10.26
CA ASN D 14 -18.24 17.04 -10.94
C ASN D 14 -18.24 16.62 -12.40
N GLU D 15 -19.43 16.64 -13.00
CA GLU D 15 -19.59 16.22 -14.39
C GLU D 15 -18.93 17.18 -15.37
N ASP D 16 -18.51 18.37 -14.92
CA ASP D 16 -17.77 19.30 -15.75
C ASP D 16 -16.30 18.93 -15.87
N ASP D 17 -15.93 17.70 -15.48
CA ASP D 17 -14.56 17.23 -15.57
C ASP D 17 -13.62 18.06 -14.70
N THR D 18 -13.94 18.06 -13.40
CA THR D 18 -13.06 18.68 -12.39
C THR D 18 -13.12 17.81 -11.14
N PHE D 19 -11.95 17.50 -10.60
CA PHE D 19 -11.85 16.66 -9.40
C PHE D 19 -11.11 17.44 -8.32
N THR D 20 -11.48 17.19 -7.07
CA THR D 20 -10.95 17.97 -5.96
C THR D 20 -10.82 17.10 -4.72
N VAL D 21 -9.96 17.56 -3.80
CA VAL D 21 -9.72 16.89 -2.53
C VAL D 21 -9.98 17.88 -1.40
N LYS D 22 -10.69 17.42 -0.37
CA LYS D 22 -10.90 18.18 0.85
C LYS D 22 -9.70 17.95 1.77
N VAL D 23 -8.69 18.80 1.67
CA VAL D 23 -7.47 18.64 2.43
C VAL D 23 -7.06 19.99 2.99
N ASP D 24 -6.42 19.97 4.15
CA ASP D 24 -5.90 21.19 4.78
C ASP D 24 -7.01 22.23 4.95
N GLY D 25 -8.24 21.74 5.12
CA GLY D 25 -9.37 22.61 5.34
C GLY D 25 -9.94 23.28 4.11
N LYS D 26 -9.48 22.91 2.92
CA LYS D 26 -9.97 23.52 1.69
C LYS D 26 -10.23 22.43 0.65
N GLU D 27 -11.14 22.74 -0.27
CA GLU D 27 -11.52 21.84 -1.35
C GLU D 27 -10.66 22.19 -2.56
N TYR D 28 -9.42 21.72 -2.54
CA TYR D 28 -8.47 22.02 -3.61
C TYR D 28 -8.88 21.26 -4.87
N TRP D 29 -9.19 21.97 -5.94
CA TRP D 29 -9.75 21.38 -7.14
C TRP D 29 -8.82 21.55 -8.33
N THR D 30 -9.06 20.76 -9.37
CA THR D 30 -8.33 20.86 -10.62
C THR D 30 -9.23 20.39 -11.76
N SER D 31 -9.02 20.97 -12.94
CA SER D 31 -9.81 20.65 -14.11
C SER D 31 -9.16 19.60 -15.01
N ARG D 32 -7.87 19.33 -14.82
CA ARG D 32 -7.19 18.34 -15.65
C ARG D 32 -7.58 16.93 -15.24
N TRP D 33 -7.34 15.98 -16.14
CA TRP D 33 -7.72 14.59 -15.93
C TRP D 33 -6.68 13.58 -16.37
N ASN D 34 -5.44 13.99 -16.60
CA ASN D 34 -4.42 13.05 -17.03
C ASN D 34 -3.76 12.33 -15.86
N LEU D 35 -4.00 12.78 -14.63
CA LEU D 35 -3.36 12.22 -13.44
C LEU D 35 -4.36 11.55 -12.50
N GLN D 36 -5.57 11.29 -12.95
CA GLN D 36 -6.59 10.70 -12.08
C GLN D 36 -6.14 9.40 -11.44
N PRO D 37 -5.58 8.43 -12.16
CA PRO D 37 -5.13 7.20 -11.49
C PRO D 37 -4.09 7.42 -10.40
N LEU D 38 -3.21 8.41 -10.55
CA LEU D 38 -2.12 8.58 -9.59
C LEU D 38 -2.65 8.81 -8.18
N LEU D 39 -3.36 9.92 -7.97
CA LEU D 39 -3.79 10.27 -6.62
C LEU D 39 -4.82 9.27 -6.08
N GLN D 40 -5.69 8.75 -6.94
CA GLN D 40 -6.66 7.78 -6.46
C GLN D 40 -5.98 6.50 -5.98
N SER D 41 -4.96 6.03 -6.70
CA SER D 41 -4.18 4.89 -6.22
C SER D 41 -3.46 5.24 -4.92
N ALA D 42 -2.91 6.45 -4.86
CA ALA D 42 -2.21 6.88 -3.65
C ALA D 42 -3.11 6.79 -2.44
N GLN D 43 -4.32 7.34 -2.52
CA GLN D 43 -5.24 7.30 -1.38
C GLN D 43 -5.74 5.88 -1.14
N LEU D 44 -5.87 5.09 -2.20
CA LEU D 44 -6.32 3.71 -2.03
C LEU D 44 -5.44 2.96 -1.04
N THR D 45 -4.12 3.18 -1.07
CA THR D 45 -3.21 2.56 -0.12
C THR D 45 -2.87 3.47 1.06
N GLY D 46 -3.37 4.71 1.07
CA GLY D 46 -3.11 5.63 2.15
C GLY D 46 -1.71 6.19 2.20
N MET D 47 -0.96 6.12 1.11
CA MET D 47 0.40 6.67 1.10
C MET D 47 0.35 8.18 0.88
N THR D 48 1.28 8.89 1.52
CA THR D 48 1.17 10.35 1.60
C THR D 48 1.38 10.99 0.24
N VAL D 49 0.73 12.14 0.05
CA VAL D 49 0.81 12.88 -1.21
C VAL D 49 0.68 14.36 -0.91
N THR D 50 1.39 15.18 -1.69
CA THR D 50 1.32 16.62 -1.60
C THR D 50 1.13 17.18 -3.01
N ILE D 51 0.43 18.31 -3.09
CA ILE D 51 0.05 18.91 -4.35
C ILE D 51 0.36 20.40 -4.31
N LYS D 52 0.92 20.92 -5.40
CA LYS D 52 1.14 22.35 -5.57
C LYS D 52 0.33 22.84 -6.76
N SER D 53 0.04 24.14 -6.76
CA SER D 53 -0.71 24.78 -7.82
C SER D 53 0.13 25.93 -8.38
N SER D 54 -0.50 26.73 -9.25
CA SER D 54 0.17 27.93 -9.74
C SER D 54 0.62 28.79 -8.58
N THR D 55 -0.14 28.82 -7.50
CA THR D 55 0.23 29.50 -6.27
C THR D 55 -0.41 28.79 -5.08
N CYS D 56 0.32 28.76 -3.97
CA CYS D 56 -0.14 28.08 -2.75
C CYS D 56 -0.61 29.08 -1.71
N GLU D 57 -1.28 30.15 -2.13
CA GLU D 57 -1.82 31.13 -1.20
C GLU D 57 -2.95 30.52 -0.38
N GLY D 59 -9.11 27.81 -4.68
CA GLY D 59 -10.11 28.04 -5.71
C GLY D 59 -9.51 28.08 -7.10
N SER D 60 -8.48 27.25 -7.32
CA SER D 60 -7.80 27.20 -8.60
C SER D 60 -7.53 25.75 -9.01
N GLY D 61 -6.74 25.54 -10.06
CA GLY D 61 -6.41 24.22 -10.53
C GLY D 61 -4.96 23.87 -10.23
N PHE D 62 -4.74 22.60 -9.90
CA PHE D 62 -3.41 22.09 -9.59
C PHE D 62 -3.00 21.06 -10.62
N ALA D 63 -1.70 21.03 -10.93
CA ALA D 63 -1.19 20.12 -11.94
C ALA D 63 0.15 19.48 -11.58
N GLU D 64 0.69 19.74 -10.39
CA GLU D 64 1.97 19.19 -9.96
C GLU D 64 1.80 18.50 -8.62
N VAL D 65 2.21 17.22 -8.57
CA VAL D 65 1.97 16.39 -7.40
C VAL D 65 3.24 15.59 -7.08
N GLN D 66 3.56 15.55 -5.79
CA GLN D 66 4.60 14.67 -5.26
C GLN D 66 3.92 13.61 -4.42
N PHE D 67 4.45 12.40 -4.42
CA PHE D 67 3.88 11.28 -3.69
C PHE D 67 4.98 10.51 -3.00
N ASN D 68 4.78 10.23 -1.71
CA ASN D 68 5.76 9.51 -0.91
C ASN D 68 5.04 8.42 -0.13
N ASN D 69 5.80 7.37 0.21
CA ASN D 69 5.25 6.21 0.89
C ASN D 69 5.38 6.29 2.41
N ASP D 70 5.87 7.40 2.95
CA ASP D 70 6.01 7.55 4.39
C ASP D 70 4.68 7.89 5.05
N ALA E 1 27.02 0.49 -16.78
CA ALA E 1 25.80 0.12 -17.57
C ALA E 1 24.53 0.53 -16.83
N ASP E 2 24.15 -0.25 -15.84
CA ASP E 2 22.98 0.06 -15.03
C ASP E 2 23.21 1.38 -14.31
N CYS E 3 22.46 2.41 -14.70
CA CYS E 3 22.63 3.71 -14.06
C CYS E 3 22.33 3.65 -12.58
N ALA E 4 21.27 2.95 -12.19
CA ALA E 4 20.94 2.81 -10.78
C ALA E 4 19.97 1.65 -10.59
N LYS E 5 19.81 1.24 -9.33
CA LYS E 5 18.92 0.16 -8.98
C LYS E 5 18.43 0.36 -7.56
N GLY E 6 17.33 -0.31 -7.22
CA GLY E 6 16.84 -0.30 -5.86
C GLY E 6 15.36 0.02 -5.74
N LYS E 7 15.03 0.97 -4.88
CA LYS E 7 13.65 1.32 -4.58
C LYS E 7 13.36 2.76 -4.98
N ILE E 8 12.08 3.03 -5.21
CA ILE E 8 11.60 4.36 -5.58
C ILE E 8 10.66 4.84 -4.50
N GLU E 9 10.92 6.04 -3.98
CA GLU E 9 10.13 6.62 -2.92
C GLU E 9 9.83 8.10 -3.10
N PHE E 10 10.30 8.71 -4.19
CA PHE E 10 10.18 10.14 -4.38
C PHE E 10 10.25 10.43 -5.88
N SER E 11 9.35 11.29 -6.37
CA SER E 11 9.36 11.67 -7.76
C SER E 11 8.36 12.79 -7.99
N LYS E 12 8.64 13.62 -8.99
CA LYS E 12 7.89 14.84 -9.24
C LYS E 12 7.41 14.89 -10.69
N TYR E 13 6.13 15.22 -10.88
CA TYR E 13 5.59 15.51 -12.19
C TYR E 13 5.57 17.03 -12.37
N ASN E 14 6.06 17.49 -13.52
CA ASN E 14 6.21 18.91 -13.78
C ASN E 14 5.10 19.43 -14.67
N GLU E 15 4.97 20.76 -14.71
CA GLU E 15 3.93 21.39 -15.52
C GLU E 15 4.09 21.07 -17.00
N ASP E 16 5.31 20.78 -17.45
CA ASP E 16 5.60 20.56 -18.86
C ASP E 16 5.36 19.12 -19.29
N ASP E 17 4.50 18.40 -18.59
CA ASP E 17 4.18 17.01 -18.93
C ASP E 17 5.45 16.15 -18.90
N THR E 18 6.32 16.42 -17.94
CA THR E 18 7.53 15.65 -17.72
C THR E 18 7.54 15.11 -16.30
N PHE E 19 8.30 14.03 -16.11
CA PHE E 19 8.32 13.33 -14.82
C PHE E 19 9.76 12.97 -14.48
N THR E 20 10.13 13.21 -13.23
CA THR E 20 11.47 12.93 -12.73
C THR E 20 11.38 11.99 -11.54
N VAL E 21 12.32 11.06 -11.46
CA VAL E 21 12.35 10.02 -10.44
C VAL E 21 13.62 10.16 -9.62
N LYS E 22 13.48 9.97 -8.30
CA LYS E 22 14.59 10.05 -7.35
C LYS E 22 15.03 8.64 -7.00
N VAL E 23 16.28 8.31 -7.32
CA VAL E 23 16.85 7.01 -6.98
C VAL E 23 18.35 7.19 -6.79
N ASP E 24 18.87 6.69 -5.67
CA ASP E 24 20.30 6.75 -5.38
C ASP E 24 20.83 8.18 -5.46
N GLY E 25 20.02 9.13 -4.97
CA GLY E 25 20.43 10.53 -4.98
C GLY E 25 20.76 11.03 -6.37
N LYS E 26 19.99 10.63 -7.36
CA LYS E 26 20.26 10.99 -8.75
C LYS E 26 18.94 11.08 -9.49
N GLU E 27 18.51 12.31 -9.79
CA GLU E 27 17.22 12.54 -10.42
C GLU E 27 17.30 12.21 -11.91
N TYR E 28 16.42 11.33 -12.36
CA TYR E 28 16.33 10.96 -13.77
C TYR E 28 15.02 11.52 -14.31
N TRP E 29 15.11 12.35 -15.35
CA TRP E 29 13.94 12.99 -15.92
C TRP E 29 13.59 12.37 -17.27
N THR E 30 12.32 12.47 -17.63
CA THR E 30 11.89 12.06 -18.96
C THR E 30 10.53 12.68 -19.24
N SER E 31 10.32 13.02 -20.52
CA SER E 31 9.02 13.46 -21.00
C SER E 31 8.09 12.31 -21.30
N ARG E 32 8.60 11.07 -21.29
CA ARG E 32 7.77 9.92 -21.55
C ARG E 32 6.61 9.86 -20.55
N TRP E 33 5.41 9.64 -21.09
CA TRP E 33 4.19 9.70 -20.30
C TRP E 33 3.44 8.39 -20.20
N ASN E 34 3.86 7.34 -20.91
CA ASN E 34 3.16 6.06 -20.84
C ASN E 34 3.70 5.14 -19.76
N LEU E 35 4.69 5.59 -18.98
CA LEU E 35 5.29 4.78 -17.94
C LEU E 35 4.93 5.23 -16.54
N GLN E 36 4.21 6.34 -16.38
CA GLN E 36 3.82 6.81 -15.06
C GLN E 36 2.95 5.81 -14.32
N PRO E 37 1.91 5.21 -14.93
CA PRO E 37 1.17 4.17 -14.22
C PRO E 37 2.06 3.01 -13.78
N LEU E 38 3.02 2.62 -14.61
CA LEU E 38 3.95 1.56 -14.24
C LEU E 38 4.78 1.98 -13.02
N LEU E 39 5.27 3.23 -13.04
CA LEU E 39 6.11 3.70 -11.94
C LEU E 39 5.34 3.76 -10.64
N GLN E 40 4.11 4.31 -10.66
CA GLN E 40 3.32 4.37 -9.45
C GLN E 40 2.95 2.97 -8.96
N SER E 41 2.60 2.07 -9.88
CA SER E 41 2.30 0.70 -9.49
C SER E 41 3.49 0.07 -8.79
N ALA E 42 4.68 0.19 -9.38
CA ALA E 42 5.87 -0.39 -8.78
C ALA E 42 6.17 0.24 -7.43
N GLN E 43 6.06 1.56 -7.34
CA GLN E 43 6.39 2.25 -6.09
C GLN E 43 5.47 1.80 -4.96
N LEU E 44 4.16 1.72 -5.23
CA LEU E 44 3.23 1.36 -4.17
C LEU E 44 3.15 -0.15 -3.94
N THR E 45 3.67 -0.96 -4.87
CA THR E 45 3.53 -2.41 -4.80
C THR E 45 4.77 -3.10 -4.24
N GLY E 46 5.76 -2.35 -3.78
CA GLY E 46 6.98 -2.97 -3.30
C GLY E 46 7.74 -3.70 -4.39
N MET E 47 7.77 -3.13 -5.59
CA MET E 47 8.44 -3.74 -6.74
C MET E 47 9.77 -3.05 -6.95
N THR E 48 10.86 -3.77 -6.73
CA THR E 48 12.18 -3.17 -6.93
C THR E 48 12.34 -2.80 -8.40
N VAL E 49 13.04 -1.70 -8.66
CA VAL E 49 13.17 -1.17 -10.01
C VAL E 49 14.61 -0.72 -10.23
N THR E 50 15.09 -0.86 -11.46
CA THR E 50 16.42 -0.38 -11.80
C THR E 50 16.42 0.20 -13.20
N ILE E 51 17.17 1.29 -13.37
CA ILE E 51 17.22 2.05 -14.61
C ILE E 51 18.62 1.92 -15.20
N LYS E 52 18.68 1.57 -16.48
CA LYS E 52 19.93 1.37 -17.19
C LYS E 52 19.95 2.29 -18.40
N SER E 53 21.12 2.86 -18.67
CA SER E 53 21.28 3.68 -19.86
C SER E 53 22.75 3.64 -20.28
N SER E 54 22.98 3.90 -21.58
CA SER E 54 24.35 3.98 -22.07
C SER E 54 25.08 5.16 -21.46
N THR E 55 24.40 6.30 -21.34
CA THR E 55 24.96 7.52 -20.78
C THR E 55 24.18 7.88 -19.52
N CYS E 56 24.77 7.65 -18.35
CA CYS E 56 24.13 7.86 -17.07
C CYS E 56 24.72 9.05 -16.34
N GLU E 57 25.01 10.12 -17.07
CA GLU E 57 25.61 11.29 -16.45
C GLU E 57 24.77 11.78 -15.28
N SER E 58 25.38 12.62 -14.45
CA SER E 58 24.74 13.13 -13.25
C SER E 58 23.31 13.58 -13.56
N GLY E 59 22.34 12.94 -12.93
CA GLY E 59 20.96 13.24 -13.18
C GLY E 59 20.48 12.85 -14.56
N SER E 60 21.10 11.86 -15.18
N SER E 60 21.10 11.86 -15.19
CA SER E 60 20.71 11.45 -16.53
CA SER E 60 20.72 11.47 -16.54
C SER E 60 19.26 10.98 -16.55
C SER E 60 19.27 10.97 -16.57
N GLY E 61 18.58 11.27 -17.66
CA GLY E 61 17.19 10.90 -17.77
C GLY E 61 16.98 9.39 -17.83
N PHE E 62 15.73 8.99 -17.68
CA PHE E 62 15.37 7.58 -17.57
C PHE E 62 14.40 7.20 -18.69
N ALA E 63 14.81 6.25 -19.53
CA ALA E 63 13.94 5.69 -20.55
C ALA E 63 14.11 4.19 -20.76
N GLU E 64 14.93 3.50 -19.98
CA GLU E 64 15.18 2.06 -20.13
C GLU E 64 15.21 1.46 -18.73
N VAL E 65 14.05 1.02 -18.26
CA VAL E 65 13.88 0.56 -16.88
C VAL E 65 13.45 -0.90 -16.88
N GLN E 66 13.75 -1.59 -15.78
CA GLN E 66 13.36 -2.99 -15.62
C GLN E 66 13.04 -3.23 -14.14
N PHE E 67 12.34 -4.34 -13.89
CA PHE E 67 11.80 -4.64 -12.57
C PHE E 67 12.65 -5.71 -11.90
N ASN E 68 12.39 -5.91 -10.61
CA ASN E 68 13.07 -6.93 -9.82
C ASN E 68 12.20 -7.22 -8.61
N ASN E 69 11.94 -8.51 -8.36
CA ASN E 69 11.16 -8.90 -7.20
C ASN E 69 11.88 -8.54 -5.91
N ASP E 70 13.20 -8.74 -5.87
CA ASP E 70 14.00 -8.44 -4.69
C ASP E 70 15.07 -7.41 -5.02
N ALA F 1 5.61 -26.87 -30.62
CA ALA F 1 5.68 -27.18 -29.16
C ALA F 1 5.91 -25.92 -28.34
N ASP F 2 5.50 -25.95 -27.07
CA ASP F 2 5.67 -24.80 -26.20
C ASP F 2 7.15 -24.57 -25.95
N CYS F 3 7.57 -23.30 -25.94
N CYS F 3 7.56 -23.29 -25.96
CA CYS F 3 8.97 -22.96 -25.76
CA CYS F 3 8.94 -22.88 -25.84
C CYS F 3 9.23 -21.97 -24.63
C CYS F 3 9.18 -22.01 -24.61
N ALA F 4 8.35 -21.00 -24.42
CA ALA F 4 8.50 -20.03 -23.34
C ALA F 4 7.33 -20.14 -22.38
N LYS F 5 7.65 -20.33 -21.10
CA LYS F 5 6.62 -20.42 -20.05
C LYS F 5 7.30 -20.23 -18.70
N GLY F 6 6.74 -19.37 -17.87
CA GLY F 6 7.26 -19.17 -16.54
C GLY F 6 6.87 -17.81 -16.00
N LYS F 7 7.37 -17.53 -14.81
CA LYS F 7 7.15 -16.23 -14.19
C LYS F 7 8.15 -15.23 -14.71
N ILE F 8 7.67 -14.06 -15.12
CA ILE F 8 8.54 -13.04 -15.70
C ILE F 8 9.56 -12.61 -14.66
N GLU F 9 10.84 -12.67 -15.03
CA GLU F 9 11.93 -12.22 -14.17
C GLU F 9 12.64 -10.98 -14.70
N PHE F 10 12.41 -10.64 -15.97
CA PHE F 10 13.04 -9.48 -16.58
C PHE F 10 12.12 -8.92 -17.66
N SER F 11 11.64 -7.69 -17.44
CA SER F 11 10.84 -6.98 -18.42
C SER F 11 11.51 -5.65 -18.69
N LYS F 12 11.68 -5.33 -19.97
CA LYS F 12 12.51 -4.20 -20.37
C LYS F 12 11.72 -3.36 -21.36
N TYR F 13 11.82 -2.04 -21.19
CA TYR F 13 11.11 -1.07 -22.01
C TYR F 13 12.07 -0.34 -22.92
N ASN F 14 11.68 -0.21 -24.19
CA ASN F 14 12.47 0.50 -25.18
C ASN F 14 11.64 1.63 -25.77
N GLU F 15 12.33 2.71 -26.16
CA GLU F 15 11.65 3.93 -26.60
C GLU F 15 10.92 3.71 -27.91
N ASP F 16 11.23 2.62 -28.60
CA ASP F 16 10.63 2.36 -29.91
C ASP F 16 9.35 1.53 -29.76
N ASP F 17 8.69 1.64 -28.61
CA ASP F 17 7.43 0.95 -28.35
C ASP F 17 7.59 -0.57 -28.37
N THR F 18 8.82 -1.07 -28.26
CA THR F 18 9.08 -2.50 -28.17
C THR F 18 9.40 -2.85 -26.73
N PHE F 19 8.69 -3.85 -26.21
CA PHE F 19 8.86 -4.29 -24.82
C PHE F 19 9.30 -5.75 -24.82
N THR F 20 10.36 -6.03 -24.08
CA THR F 20 10.97 -7.35 -24.05
C THR F 20 10.69 -8.04 -22.72
N VAL F 21 10.52 -9.36 -22.76
CA VAL F 21 10.24 -10.17 -21.58
C VAL F 21 11.08 -11.44 -21.65
N LYS F 22 11.59 -11.84 -20.49
CA LYS F 22 12.40 -13.05 -20.35
C LYS F 22 11.55 -14.14 -19.71
N VAL F 23 11.24 -15.18 -20.50
CA VAL F 23 10.46 -16.32 -20.03
C VAL F 23 11.21 -17.59 -20.43
N ASP F 24 11.41 -18.49 -19.47
CA ASP F 24 12.17 -19.71 -19.68
C ASP F 24 13.60 -19.41 -20.11
N GLY F 25 14.12 -18.25 -19.70
CA GLY F 25 15.44 -17.83 -20.13
C GLY F 25 15.51 -17.35 -21.55
N LYS F 26 14.37 -17.18 -22.22
CA LYS F 26 14.30 -16.75 -23.60
C LYS F 26 13.71 -15.35 -23.67
N GLU F 27 14.33 -14.49 -24.47
CA GLU F 27 13.90 -13.11 -24.60
C GLU F 27 12.98 -12.96 -25.80
N TYR F 28 11.75 -12.50 -25.56
CA TYR F 28 10.80 -12.23 -26.62
C TYR F 28 10.34 -10.80 -26.51
N TRP F 29 10.39 -10.06 -27.62
CA TRP F 29 10.03 -8.65 -27.64
C TRP F 29 8.80 -8.45 -28.53
N THR F 30 7.86 -7.65 -28.03
CA THR F 30 6.63 -7.33 -28.75
C THR F 30 6.63 -5.84 -29.06
N SER F 31 6.35 -5.50 -30.31
CA SER F 31 6.31 -4.10 -30.73
C SER F 31 4.93 -3.48 -30.55
N ARG F 32 3.86 -4.28 -30.64
CA ARG F 32 2.51 -3.76 -30.48
C ARG F 32 2.36 -3.27 -29.03
N TRP F 33 2.33 -1.95 -28.86
CA TRP F 33 2.33 -1.36 -27.53
C TRP F 33 1.03 -1.62 -26.79
N ASN F 34 -0.02 -2.05 -27.48
CA ASN F 34 -1.31 -2.26 -26.83
C ASN F 34 -1.18 -3.25 -25.68
N LEU F 35 -0.34 -4.27 -25.83
CA LEU F 35 -0.17 -5.28 -24.79
C LEU F 35 0.80 -4.86 -23.71
N GLN F 36 1.52 -3.75 -23.89
CA GLN F 36 2.51 -3.35 -22.89
C GLN F 36 1.89 -3.12 -21.52
N PRO F 37 0.78 -2.40 -21.38
CA PRO F 37 0.21 -2.23 -20.02
C PRO F 37 -0.38 -3.51 -19.46
N LEU F 38 -1.02 -4.32 -20.31
CA LEU F 38 -1.76 -5.48 -19.81
C LEU F 38 -0.84 -6.45 -19.07
N LEU F 39 0.37 -6.65 -19.58
CA LEU F 39 1.29 -7.58 -18.94
C LEU F 39 1.55 -7.19 -17.48
N GLN F 40 1.41 -5.91 -17.15
CA GLN F 40 1.62 -5.48 -15.77
C GLN F 40 0.73 -6.27 -14.82
N SER F 41 -0.47 -6.64 -15.25
CA SER F 41 -1.36 -7.43 -14.40
C SER F 41 -0.71 -8.73 -14.00
N ALA F 42 -0.08 -9.43 -14.95
CA ALA F 42 0.63 -10.66 -14.62
C ALA F 42 1.99 -10.34 -14.01
N GLN F 43 2.48 -9.11 -14.17
CA GLN F 43 3.80 -8.77 -13.66
C GLN F 43 3.87 -8.87 -12.14
N LEU F 44 2.83 -8.39 -11.45
CA LEU F 44 2.83 -8.36 -9.99
C LEU F 44 2.01 -9.49 -9.37
N THR F 45 1.07 -10.07 -10.12
CA THR F 45 0.18 -11.08 -9.58
C THR F 45 0.73 -12.50 -9.69
N GLY F 46 1.97 -12.66 -10.16
CA GLY F 46 2.56 -13.98 -10.24
C GLY F 46 1.90 -14.88 -11.26
N MET F 47 1.09 -14.32 -12.15
CA MET F 47 0.44 -15.10 -13.20
C MET F 47 1.50 -15.51 -14.21
N THR F 48 1.96 -16.75 -14.13
CA THR F 48 2.98 -17.22 -15.04
C THR F 48 2.52 -17.07 -16.48
N VAL F 49 3.40 -16.54 -17.32
CA VAL F 49 3.11 -16.25 -18.72
C VAL F 49 3.69 -17.37 -19.57
N THR F 50 2.89 -17.87 -20.50
CA THR F 50 3.29 -18.88 -21.46
C THR F 50 2.97 -18.39 -22.86
N ILE F 51 3.93 -18.47 -23.76
CA ILE F 51 3.83 -17.85 -25.08
C ILE F 51 3.82 -18.95 -26.14
N LYS F 52 2.87 -18.86 -27.06
CA LYS F 52 2.78 -19.79 -28.17
C LYS F 52 3.68 -19.34 -29.30
N SER F 53 4.18 -20.29 -30.08
CA SER F 53 5.03 -19.98 -31.22
C SER F 53 5.25 -21.24 -32.04
N SER F 54 5.39 -21.05 -33.36
CA SER F 54 5.63 -22.18 -34.25
C SER F 54 6.96 -22.85 -33.93
N THR F 55 8.00 -22.06 -33.69
CA THR F 55 9.33 -22.57 -33.38
C THR F 55 9.83 -21.91 -32.11
N CYS F 56 10.91 -22.47 -31.55
CA CYS F 56 11.45 -22.01 -30.27
C CYS F 56 12.50 -20.92 -30.41
N GLU F 57 12.93 -20.58 -31.61
CA GLU F 57 13.85 -19.47 -31.77
C GLU F 57 13.19 -18.20 -31.25
N SER F 58 13.92 -17.42 -30.47
CA SER F 58 13.37 -16.28 -29.79
C SER F 58 13.70 -15.01 -30.57
N GLY F 59 13.40 -13.86 -29.96
CA GLY F 59 13.66 -12.58 -30.59
C GLY F 59 12.61 -12.14 -31.59
N SER F 60 11.56 -12.93 -31.79
CA SER F 60 10.50 -12.58 -32.72
C SER F 60 9.38 -11.85 -31.99
N GLY F 61 8.60 -11.11 -32.76
CA GLY F 61 7.43 -10.44 -32.21
C GLY F 61 6.48 -11.43 -31.58
N PHE F 62 6.13 -11.22 -30.32
CA PHE F 62 5.28 -12.13 -29.58
C PHE F 62 3.96 -11.43 -29.23
N ALA F 63 2.85 -12.06 -29.58
CA ALA F 63 1.53 -11.54 -29.24
C ALA F 63 0.54 -12.61 -28.79
N GLU F 64 0.92 -13.89 -28.81
CA GLU F 64 0.06 -14.97 -28.36
C GLU F 64 0.55 -15.42 -26.98
N VAL F 65 -0.12 -14.94 -25.94
CA VAL F 65 0.32 -15.15 -24.57
C VAL F 65 -0.85 -15.69 -23.75
N GLN F 66 -0.53 -16.40 -22.69
CA GLN F 66 -1.50 -16.98 -21.78
C GLN F 66 -1.00 -16.80 -20.35
N PHE F 67 -1.91 -16.60 -19.41
CA PHE F 67 -1.55 -16.43 -18.01
C PHE F 67 -2.20 -17.55 -17.19
N ASN F 68 -1.38 -18.23 -16.40
CA ASN F 68 -1.82 -19.34 -15.57
C ASN F 68 -1.14 -19.21 -14.21
N ASN F 69 -1.20 -20.28 -13.43
CA ASN F 69 -0.61 -20.31 -12.10
C ASN F 69 -0.13 -21.73 -11.78
N ASP F 70 0.81 -21.81 -10.84
CA ASP F 70 1.38 -23.09 -10.44
C ASP F 70 0.62 -23.67 -9.25
N GLY G 1 19.46 -21.56 24.60
CA GLY G 1 19.02 -22.36 23.48
C GLY G 1 17.82 -21.75 22.78
N PHE G 2 18.00 -20.55 22.26
CA PHE G 2 16.94 -19.81 21.58
C PHE G 2 16.88 -20.10 20.09
N GLY G 3 17.73 -21.00 19.59
CA GLY G 3 17.71 -21.31 18.18
C GLY G 3 17.92 -20.08 17.31
N LEU G 4 17.85 -20.27 16.00
CA LEU G 4 17.97 -19.17 15.05
C LEU G 4 16.76 -18.26 15.08
N PHE G 5 15.59 -18.78 15.45
CA PHE G 5 14.41 -17.94 15.59
C PHE G 5 14.58 -16.87 16.65
N ASP G 6 15.53 -17.06 17.57
CA ASP G 6 15.79 -16.08 18.61
C ASP G 6 17.24 -16.19 19.07
#